data_7TPB
#
_entry.id   7TPB
#
_cell.length_a   143.745
_cell.length_b   143.745
_cell.length_c   152.776
_cell.angle_alpha   90.000
_cell.angle_beta   90.000
_cell.angle_gamma   120.000
#
_symmetry.space_group_name_H-M   'H 3'
#
loop_
_entity.id
_entity.type
_entity.pdbx_description
1 polymer 'Ras GTPase-activating protein 1'
2 polymer 'Rho GTPase-activating protein 7'
#
loop_
_entity_poly.entity_id
_entity_poly.type
_entity_poly.pdbx_seq_one_letter_code
_entity_poly.pdbx_strand_id
1 'polypeptide(L)' GPLGSRRRVRAILPYTKVPDTDEISFLKGDMFIVHNELEDGWMWVTNLRTDEQGLIVEDLVEEVGR A,C,E,G
2 'polypeptide(L)'
;MHHHHHHSSGRENLYFQGSVFGVPLTVNVQRTGQPLPQSIQQAMRYLRNHCLDQVGLFRKSGVKSRIQALRQMNEGAIDC
VNYEGQSAYDVADMLKQYFRDLPEPLMTNKLSETFLQIYQYVPKDQRLQAIKAAIMLLPDENREVLQTLLYFLSDVTAAV
KENQMTPTNLAVCLAPSLFHLNTLKRENSSPRVMQRKQSLGKPDQKDLNENLAATQGLAHMIAECKKL
;
B,D,F,H
#
# COMPACT_ATOMS: atom_id res chain seq x y z
N ARG A 7 6.62 -10.35 8.60
CA ARG A 7 7.76 -9.52 8.94
C ARG A 7 7.91 -9.37 10.45
N ARG A 8 9.09 -9.73 10.96
CA ARG A 8 9.38 -9.69 12.38
C ARG A 8 10.53 -8.72 12.67
N VAL A 9 10.46 -8.10 13.85
CA VAL A 9 11.50 -7.18 14.30
C VAL A 9 11.89 -7.55 15.72
N ARG A 10 13.04 -7.04 16.14
CA ARG A 10 13.61 -7.31 17.46
C ARG A 10 13.99 -5.98 18.10
N ALA A 11 13.63 -5.81 19.36
CA ALA A 11 13.95 -4.57 20.08
C ALA A 11 15.42 -4.55 20.48
N ILE A 12 16.08 -3.42 20.21
CA ILE A 12 17.48 -3.24 20.54
C ILE A 12 17.67 -2.34 21.76
N LEU A 13 16.58 -2.02 22.46
CA LEU A 13 16.62 -1.07 23.57
C LEU A 13 15.31 -1.13 24.36
N PRO A 14 15.37 -1.05 25.69
CA PRO A 14 14.12 -1.03 26.45
C PRO A 14 13.39 0.29 26.30
N TYR A 15 12.07 0.23 26.42
CA TYR A 15 11.22 1.41 26.30
C TYR A 15 9.98 1.22 27.16
N THR A 16 9.56 2.30 27.82
CA THR A 16 8.36 2.33 28.65
C THR A 16 7.27 3.12 27.96
N LYS A 17 6.04 2.60 28.01
CA LYS A 17 4.92 3.23 27.32
C LYS A 17 4.64 4.62 27.89
N VAL A 18 4.34 5.55 26.99
CA VAL A 18 3.80 6.85 27.41
C VAL A 18 2.40 6.64 27.96
N PRO A 19 2.08 7.14 29.16
CA PRO A 19 0.78 6.83 29.77
C PRO A 19 -0.38 7.32 28.92
N ASP A 20 -1.46 6.54 28.93
CA ASP A 20 -2.70 6.86 28.22
C ASP A 20 -2.48 6.97 26.71
N THR A 21 -1.66 6.07 26.17
CA THR A 21 -1.44 5.96 24.73
C THR A 21 -1.52 4.51 24.31
N ASP A 22 -1.52 4.28 23.00
CA ASP A 22 -1.59 2.94 22.43
C ASP A 22 -0.23 2.30 22.25
N GLU A 23 0.83 2.88 22.82
CA GLU A 23 2.15 2.29 22.72
C GLU A 23 2.23 1.04 23.61
N ILE A 24 3.36 0.35 23.51
CA ILE A 24 3.64 -0.83 24.33
C ILE A 24 5.06 -0.75 24.84
N SER A 25 5.26 -1.13 26.09
CA SER A 25 6.60 -1.20 26.67
C SER A 25 7.27 -2.51 26.27
N PHE A 26 8.60 -2.50 26.23
CA PHE A 26 9.34 -3.68 25.86
C PHE A 26 10.75 -3.60 26.42
N LEU A 27 11.43 -4.75 26.43
CA LEU A 27 12.80 -4.87 26.91
C LEU A 27 13.74 -5.10 25.73
N LYS A 28 15.04 -4.96 26.01
CA LYS A 28 16.06 -5.20 24.99
C LYS A 28 16.06 -6.67 24.61
N GLY A 29 15.75 -6.96 23.35
CA GLY A 29 15.70 -8.32 22.85
C GLY A 29 14.30 -8.81 22.51
N ASP A 30 13.27 -8.04 22.86
CA ASP A 30 11.90 -8.45 22.59
C ASP A 30 11.65 -8.52 21.09
N MET A 31 11.11 -9.64 20.63
CA MET A 31 10.72 -9.80 19.25
C MET A 31 9.26 -9.45 19.06
N PHE A 32 8.97 -8.73 17.97
CA PHE A 32 7.61 -8.36 17.62
C PHE A 32 7.28 -8.93 16.25
N ILE A 33 5.99 -9.19 16.02
CA ILE A 33 5.47 -9.48 14.70
C ILE A 33 4.73 -8.24 14.22
N VAL A 34 5.10 -7.74 13.05
CA VAL A 34 4.54 -6.49 12.55
C VAL A 34 3.21 -6.77 11.89
N HIS A 35 2.13 -6.18 12.42
CA HIS A 35 0.82 -6.29 11.81
C HIS A 35 0.57 -5.20 10.78
N ASN A 36 0.90 -3.96 11.13
CA ASN A 36 0.67 -2.83 10.22
C ASN A 36 1.84 -1.87 10.28
N GLU A 37 2.13 -1.25 9.14
CA GLU A 37 3.19 -0.26 9.02
C GLU A 37 2.54 1.09 8.73
N LEU A 38 2.78 2.07 9.61
CA LEU A 38 2.17 3.38 9.49
C LEU A 38 3.19 4.38 8.98
N GLU A 39 2.75 5.64 8.87
CA GLU A 39 3.62 6.71 8.42
C GLU A 39 4.60 7.09 9.51
N ASP A 40 5.76 7.63 9.09
CA ASP A 40 6.80 8.10 10.01
C ASP A 40 7.35 6.96 10.87
N GLY A 41 7.54 5.80 10.26
CA GLY A 41 8.21 4.70 10.92
C GLY A 41 7.47 4.07 12.08
N TRP A 42 6.19 4.37 12.25
CA TRP A 42 5.40 3.77 13.32
C TRP A 42 4.81 2.44 12.85
N MET A 43 4.76 1.48 13.76
CA MET A 43 4.30 0.13 13.43
C MET A 43 3.37 -0.38 14.51
N TRP A 44 2.23 -0.91 14.10
CA TRP A 44 1.35 -1.66 14.99
C TRP A 44 1.82 -3.11 15.00
N VAL A 45 2.25 -3.58 16.18
CA VAL A 45 2.89 -4.88 16.34
C VAL A 45 2.35 -5.57 17.58
N THR A 46 2.53 -6.89 17.61
CA THR A 46 2.26 -7.71 18.79
C THR A 46 3.59 -8.13 19.41
N ASN A 47 3.79 -7.79 20.68
CA ASN A 47 4.96 -8.23 21.42
C ASN A 47 4.81 -9.72 21.73
N LEU A 48 5.80 -10.53 21.31
CA LEU A 48 5.69 -11.97 21.51
C LEU A 48 5.88 -12.36 22.97
N ARG A 49 6.58 -11.53 23.75
CA ARG A 49 6.81 -11.88 25.15
C ARG A 49 5.54 -11.71 25.98
N THR A 50 4.88 -10.55 25.83
CA THR A 50 3.72 -10.21 26.64
C THR A 50 2.40 -10.44 25.93
N ASP A 51 2.42 -10.78 24.64
CA ASP A 51 1.20 -11.01 23.86
C ASP A 51 0.28 -9.79 23.89
N GLU A 52 0.86 -8.61 23.75
CA GLU A 52 0.09 -7.37 23.73
C GLU A 52 0.32 -6.64 22.42
N GLN A 53 -0.74 -6.05 21.88
CA GLN A 53 -0.67 -5.31 20.63
C GLN A 53 -0.57 -3.82 20.92
N GLY A 54 0.22 -3.12 20.12
CA GLY A 54 0.40 -1.70 20.34
C GLY A 54 1.24 -1.08 19.26
N LEU A 55 1.72 0.13 19.53
CA LEU A 55 2.50 0.90 18.59
C LEU A 55 3.95 1.00 19.05
N ILE A 56 4.87 0.85 18.11
CA ILE A 56 6.29 1.05 18.36
C ILE A 56 6.85 1.90 17.22
N VAL A 57 8.05 2.42 17.44
CA VAL A 57 8.72 3.24 16.45
C VAL A 57 9.84 2.44 15.81
N GLU A 58 10.11 2.72 14.54
CA GLU A 58 11.14 2.00 13.80
C GLU A 58 12.54 2.27 14.35
N ASP A 59 12.74 3.37 15.08
CA ASP A 59 14.06 3.74 15.56
C ASP A 59 14.60 2.79 16.61
N LEU A 60 13.75 2.00 17.25
CA LEU A 60 14.18 1.13 18.34
C LEU A 60 14.19 -0.35 17.98
N VAL A 61 13.92 -0.71 16.73
CA VAL A 61 13.83 -2.11 16.33
C VAL A 61 14.77 -2.38 15.17
N GLU A 62 15.12 -3.65 15.01
CA GLU A 62 15.98 -4.15 13.94
C GLU A 62 15.31 -5.36 13.31
N GLU A 63 15.35 -5.43 11.98
CA GLU A 63 14.72 -6.55 11.29
C GLU A 63 15.51 -7.84 11.54
N VAL A 64 14.80 -8.96 11.50
CA VAL A 64 15.40 -10.27 11.71
C VAL A 64 15.20 -11.16 10.49
N TYR B 15 -24.70 21.76 35.46
CA TYR B 15 -23.36 22.25 35.13
C TYR B 15 -23.09 23.56 35.82
N PHE B 16 -21.92 23.68 36.44
CA PHE B 16 -21.65 24.81 37.30
C PHE B 16 -21.21 26.01 36.47
N GLN B 17 -21.44 27.20 37.02
CA GLN B 17 -21.18 28.43 36.31
C GLN B 17 -19.68 28.72 36.22
N GLY B 18 -19.19 28.93 35.00
CA GLY B 18 -17.79 29.24 34.79
C GLY B 18 -16.87 28.04 34.79
N SER B 19 -17.42 26.84 34.64
CA SER B 19 -16.63 25.62 34.63
C SER B 19 -16.20 25.27 33.21
N VAL B 20 -14.95 24.85 33.07
CA VAL B 20 -14.36 24.54 31.77
C VAL B 20 -14.32 23.04 31.51
N PHE B 21 -13.75 22.28 32.44
CA PHE B 21 -13.56 20.85 32.26
C PHE B 21 -14.87 20.10 32.53
N GLY B 22 -15.08 19.02 31.77
CA GLY B 22 -16.26 18.21 31.93
C GLY B 22 -17.54 18.83 31.43
N VAL B 23 -17.46 19.96 30.75
CA VAL B 23 -18.63 20.68 30.24
C VAL B 23 -18.70 20.42 28.73
N PRO B 24 -19.79 19.88 28.21
CA PRO B 24 -19.88 19.62 26.77
C PRO B 24 -19.86 20.91 25.97
N LEU B 25 -19.56 20.76 24.68
CA LEU B 25 -19.38 21.92 23.81
C LEU B 25 -20.68 22.69 23.62
N THR B 26 -21.82 21.99 23.68
CA THR B 26 -23.10 22.67 23.51
C THR B 26 -23.39 23.63 24.66
N VAL B 27 -23.01 23.25 25.88
CA VAL B 27 -23.19 24.15 27.01
C VAL B 27 -22.27 25.36 26.86
N ASN B 28 -21.05 25.15 26.37
CA ASN B 28 -20.16 26.27 26.11
C ASN B 28 -20.74 27.22 25.06
N VAL B 29 -21.40 26.65 24.04
CA VAL B 29 -22.03 27.50 23.02
C VAL B 29 -23.19 28.27 23.62
N GLN B 30 -24.03 27.61 24.42
CA GLN B 30 -25.17 28.27 25.01
C GLN B 30 -24.78 29.30 26.06
N ARG B 31 -23.60 29.19 26.66
CA ARG B 31 -23.17 30.12 27.69
C ARG B 31 -22.30 31.25 27.16
N THR B 32 -21.50 31.01 26.13
CA THR B 32 -20.58 32.02 25.61
C THR B 32 -20.76 32.32 24.13
N GLY B 33 -21.23 31.37 23.34
CA GLY B 33 -21.35 31.54 21.90
C GLY B 33 -20.29 30.83 21.09
N GLN B 34 -19.29 30.25 21.76
CA GLN B 34 -18.22 29.51 21.10
C GLN B 34 -18.05 28.15 21.79
N PRO B 35 -17.80 27.08 21.03
CA PRO B 35 -17.72 25.76 21.66
C PRO B 35 -16.47 25.55 22.50
N LEU B 36 -15.34 26.18 22.14
CA LEU B 36 -14.16 26.04 22.98
C LEU B 36 -14.10 27.16 24.01
N PRO B 37 -13.83 26.86 25.28
CA PRO B 37 -13.64 27.92 26.26
C PRO B 37 -12.44 28.79 25.92
N GLN B 38 -12.48 30.04 26.41
CA GLN B 38 -11.38 30.96 26.16
C GLN B 38 -10.09 30.50 26.85
N SER B 39 -10.20 29.77 27.96
CA SER B 39 -9.01 29.24 28.62
C SER B 39 -8.26 28.28 27.69
N ILE B 40 -9.00 27.38 27.05
CA ILE B 40 -8.38 26.39 26.17
C ILE B 40 -7.81 27.05 24.93
N GLN B 41 -8.52 28.04 24.39
CA GLN B 41 -8.00 28.77 23.23
C GLN B 41 -6.74 29.54 23.58
N GLN B 42 -6.70 30.14 24.77
CA GLN B 42 -5.48 30.82 25.21
C GLN B 42 -4.34 29.83 25.43
N ALA B 43 -4.64 28.63 25.91
CA ALA B 43 -3.61 27.60 26.02
C ALA B 43 -3.03 27.24 24.66
N MET B 44 -3.92 27.05 23.67
CA MET B 44 -3.46 26.76 22.31
C MET B 44 -2.63 27.91 21.75
N ARG B 45 -3.05 29.15 22.02
CA ARG B 45 -2.29 30.30 21.54
C ARG B 45 -0.92 30.37 22.20
N TYR B 46 -0.85 30.08 23.50
CA TYR B 46 0.44 30.06 24.18
C TYR B 46 1.36 29.01 23.59
N LEU B 47 0.84 27.81 23.33
CA LEU B 47 1.64 26.77 22.71
C LEU B 47 2.07 27.16 21.30
N ARG B 48 1.20 27.83 20.56
CA ARG B 48 1.53 28.23 19.18
C ARG B 48 2.57 29.34 19.17
N ASN B 49 2.56 30.21 20.17
CA ASN B 49 3.41 31.39 20.16
C ASN B 49 4.78 31.15 20.79
N HIS B 50 4.84 30.42 21.90
CA HIS B 50 6.09 30.32 22.66
C HIS B 50 6.59 28.89 22.85
N CYS B 51 5.96 27.90 22.21
CA CYS B 51 6.29 26.51 22.53
C CYS B 51 6.48 25.58 21.34
N LEU B 52 6.30 26.06 20.10
CA LEU B 52 6.31 25.16 18.96
C LEU B 52 7.66 24.52 18.70
N ASP B 53 8.74 24.99 19.33
CA ASP B 53 10.07 24.43 19.13
C ASP B 53 10.50 23.50 20.26
N GLN B 54 9.64 23.27 21.26
CA GLN B 54 9.98 22.37 22.35
C GLN B 54 10.03 20.93 21.85
N VAL B 55 11.17 20.26 22.08
CA VAL B 55 11.33 18.89 21.62
C VAL B 55 10.40 17.98 22.40
N GLY B 56 9.68 17.12 21.68
CA GLY B 56 8.82 16.14 22.32
C GLY B 56 7.55 16.71 22.91
N LEU B 57 6.98 17.75 22.29
CA LEU B 57 5.75 18.32 22.81
C LEU B 57 4.62 17.30 22.70
N PHE B 58 3.74 17.32 23.70
CA PHE B 58 2.60 16.40 23.82
C PHE B 58 3.05 14.97 24.10
N ARG B 59 4.35 14.71 24.06
CA ARG B 59 4.90 13.41 24.43
C ARG B 59 5.59 13.45 25.79
N LYS B 60 6.58 14.32 25.97
CA LYS B 60 7.23 14.47 27.27
C LYS B 60 6.23 14.93 28.31
N SER B 61 6.09 14.13 29.37
CA SER B 61 5.06 14.36 30.36
C SER B 61 5.35 15.62 31.17
N GLY B 62 4.27 16.31 31.55
CA GLY B 62 4.37 17.45 32.44
C GLY B 62 4.56 17.01 33.88
N VAL B 63 4.11 17.86 34.80
CA VAL B 63 4.23 17.62 36.24
C VAL B 63 2.84 17.75 36.85
N LYS B 64 2.46 16.76 37.66
CA LYS B 64 1.09 16.69 38.17
C LYS B 64 0.72 17.96 38.94
N SER B 65 1.65 18.49 39.75
CA SER B 65 1.36 19.69 40.51
C SER B 65 1.10 20.89 39.60
N ARG B 66 1.93 21.06 38.58
CA ARG B 66 1.78 22.20 37.68
C ARG B 66 0.51 22.08 36.84
N ILE B 67 0.20 20.87 36.37
CA ILE B 67 -1.02 20.66 35.60
C ILE B 67 -2.25 20.91 36.46
N GLN B 68 -2.23 20.44 37.70
CA GLN B 68 -3.35 20.70 38.60
C GLN B 68 -3.46 22.19 38.93
N ALA B 69 -2.34 22.89 39.02
CA ALA B 69 -2.41 24.34 39.21
C ALA B 69 -3.01 25.03 37.99
N LEU B 70 -2.70 24.55 36.80
CA LEU B 70 -3.30 25.11 35.59
C LEU B 70 -4.80 24.86 35.55
N ARG B 71 -5.24 23.67 35.96
CA ARG B 71 -6.67 23.40 36.04
C ARG B 71 -7.34 24.27 37.09
N GLN B 72 -6.69 24.42 38.24
CA GLN B 72 -7.12 25.36 39.27
C GLN B 72 -7.32 26.76 38.68
N MET B 73 -6.38 27.19 37.85
CA MET B 73 -6.47 28.50 37.20
C MET B 73 -7.68 28.56 36.27
N ASN B 74 -7.88 27.52 35.46
CA ASN B 74 -8.98 27.52 34.51
C ASN B 74 -10.34 27.57 35.21
N GLU B 75 -10.59 26.64 36.13
CA GLU B 75 -11.92 26.48 36.70
C GLU B 75 -12.19 27.58 37.72
N GLY B 76 -13.31 28.28 37.53
CA GLY B 76 -13.76 29.30 38.46
C GLY B 76 -13.25 30.70 38.19
N ALA B 77 -12.23 30.86 37.36
CA ALA B 77 -11.67 32.18 37.08
C ALA B 77 -12.61 32.97 36.17
N ILE B 78 -13.07 34.11 36.65
CA ILE B 78 -13.91 34.97 35.82
C ILE B 78 -13.05 35.83 34.89
N ASP B 79 -11.81 36.12 35.28
CA ASP B 79 -10.94 36.94 34.46
C ASP B 79 -10.26 36.10 33.38
N CYS B 80 -9.37 36.72 32.62
CA CYS B 80 -8.62 36.02 31.59
C CYS B 80 -7.48 35.21 32.19
N VAL B 81 -7.33 33.98 31.71
CA VAL B 81 -6.32 33.07 32.22
C VAL B 81 -5.00 33.31 31.48
N ASN B 82 -3.99 33.76 32.22
CA ASN B 82 -2.67 34.01 31.66
C ASN B 82 -1.78 32.77 31.82
N TYR B 83 -1.11 32.38 30.75
CA TYR B 83 -0.26 31.20 30.74
C TYR B 83 1.23 31.51 30.69
N GLU B 84 1.63 32.78 30.71
CA GLU B 84 3.04 33.11 30.62
C GLU B 84 3.79 32.62 31.85
N GLY B 85 5.01 32.12 31.64
CA GLY B 85 5.78 31.56 32.72
C GLY B 85 5.39 30.15 33.11
N GLN B 86 4.80 29.39 32.18
CA GLN B 86 4.38 28.02 32.42
C GLN B 86 5.13 27.08 31.50
N SER B 87 5.42 25.88 32.02
CA SER B 87 6.08 24.86 31.21
C SER B 87 5.20 24.45 30.04
N ALA B 88 5.83 24.30 28.87
CA ALA B 88 5.08 23.93 27.67
C ALA B 88 4.43 22.54 27.82
N TYR B 89 5.16 21.60 28.42
CA TYR B 89 4.64 20.25 28.56
C TYR B 89 3.47 20.21 29.53
N ASP B 90 3.49 21.05 30.57
CA ASP B 90 2.34 21.15 31.46
C ASP B 90 1.09 21.59 30.70
N VAL B 91 1.22 22.59 29.83
CA VAL B 91 0.08 23.08 29.08
C VAL B 91 -0.41 22.03 28.07
N ALA B 92 0.53 21.35 27.42
CA ALA B 92 0.15 20.31 26.46
C ALA B 92 -0.61 19.18 27.15
N ASP B 93 -0.11 18.72 28.30
CA ASP B 93 -0.80 17.70 29.04
C ASP B 93 -2.14 18.20 29.59
N MET B 94 -2.26 19.51 29.87
CA MET B 94 -3.55 20.04 30.27
C MET B 94 -4.55 19.96 29.14
N LEU B 95 -4.12 20.30 27.92
CA LEU B 95 -5.02 20.15 26.77
C LEU B 95 -5.43 18.70 26.58
N LYS B 96 -4.47 17.77 26.69
CA LYS B 96 -4.81 16.35 26.58
C LYS B 96 -5.82 15.95 27.64
N GLN B 97 -5.67 16.46 28.86
CA GLN B 97 -6.60 16.13 29.93
C GLN B 97 -7.97 16.77 29.72
N TYR B 98 -8.02 17.97 29.13
CA TYR B 98 -9.31 18.60 28.86
C TYR B 98 -10.08 17.82 27.81
N PHE B 99 -9.40 17.45 26.71
CA PHE B 99 -10.06 16.64 25.70
C PHE B 99 -10.35 15.23 26.20
N ARG B 100 -9.61 14.77 27.21
CA ARG B 100 -9.93 13.49 27.82
C ARG B 100 -11.14 13.60 28.76
N ASP B 101 -11.22 14.70 29.51
CA ASP B 101 -12.24 14.90 30.52
C ASP B 101 -13.56 15.43 29.96
N LEU B 102 -13.72 15.49 28.64
CA LEU B 102 -15.00 15.88 28.08
C LEU B 102 -16.03 14.78 28.34
N PRO B 103 -17.30 15.15 28.55
CA PRO B 103 -18.33 14.11 28.80
C PRO B 103 -18.45 13.11 27.67
N GLU B 104 -18.47 13.58 26.43
CA GLU B 104 -18.35 12.75 25.25
C GLU B 104 -17.08 13.13 24.51
N PRO B 105 -16.46 12.19 23.78
CA PRO B 105 -15.23 12.53 23.06
C PRO B 105 -15.50 13.57 21.98
N LEU B 106 -14.48 14.41 21.73
CA LEU B 106 -14.58 15.38 20.65
C LEU B 106 -14.96 14.71 19.35
N MET B 107 -14.29 13.61 19.03
CA MET B 107 -14.66 12.76 17.91
C MET B 107 -15.56 11.67 18.48
N THR B 108 -16.83 11.69 18.09
CA THR B 108 -17.85 10.90 18.76
C THR B 108 -17.47 9.42 18.77
N ASN B 109 -18.11 8.68 19.67
CA ASN B 109 -17.83 7.25 19.81
C ASN B 109 -18.06 6.50 18.51
N LYS B 110 -18.94 7.02 17.66
CA LYS B 110 -19.21 6.40 16.37
C LYS B 110 -18.09 6.66 15.36
N LEU B 111 -17.28 7.71 15.56
CA LEU B 111 -16.30 8.07 14.55
C LEU B 111 -15.11 7.12 14.54
N SER B 112 -14.75 6.54 15.70
CA SER B 112 -13.71 5.52 15.71
C SER B 112 -14.14 4.30 14.91
N GLU B 113 -15.38 3.84 15.11
CA GLU B 113 -15.91 2.74 14.31
C GLU B 113 -15.98 3.09 12.84
N THR B 114 -16.34 4.34 12.53
CA THR B 114 -16.40 4.77 11.15
C THR B 114 -15.01 4.76 10.51
N PHE B 115 -13.98 5.18 11.26
CA PHE B 115 -12.62 5.12 10.75
C PHE B 115 -12.18 3.68 10.53
N LEU B 116 -12.58 2.78 11.43
CA LEU B 116 -12.29 1.35 11.23
C LEU B 116 -12.93 0.85 9.94
N GLN B 117 -14.20 1.18 9.72
CA GLN B 117 -14.87 0.77 8.50
C GLN B 117 -14.20 1.36 7.27
N ILE B 118 -13.76 2.61 7.36
CA ILE B 118 -13.09 3.25 6.23
C ILE B 118 -11.80 2.53 5.88
N TYR B 119 -10.94 2.31 6.89
CA TYR B 119 -9.66 1.67 6.62
C TYR B 119 -9.80 0.18 6.32
N GLN B 120 -10.94 -0.44 6.61
CA GLN B 120 -11.13 -1.84 6.28
C GLN B 120 -11.71 -2.05 4.89
N TYR B 121 -12.79 -1.32 4.56
CA TYR B 121 -13.54 -1.59 3.34
C TYR B 121 -13.40 -0.53 2.26
N VAL B 122 -12.98 0.69 2.61
CA VAL B 122 -12.82 1.75 1.62
C VAL B 122 -11.41 1.69 1.05
N PRO B 123 -11.24 1.71 -0.26
CA PRO B 123 -9.89 1.67 -0.84
C PRO B 123 -9.06 2.89 -0.47
N LYS B 124 -7.75 2.74 -0.63
CA LYS B 124 -6.80 3.74 -0.12
C LYS B 124 -6.95 5.09 -0.82
N ASP B 125 -7.27 5.09 -2.11
CA ASP B 125 -7.34 6.35 -2.86
C ASP B 125 -8.57 7.18 -2.51
N GLN B 126 -9.56 6.61 -1.82
CA GLN B 126 -10.76 7.34 -1.43
C GLN B 126 -10.90 7.48 0.07
N ARG B 127 -9.88 7.13 0.84
CA ARG B 127 -9.98 7.20 2.30
C ARG B 127 -10.13 8.64 2.78
N LEU B 128 -9.44 9.58 2.14
CA LEU B 128 -9.53 10.97 2.58
C LEU B 128 -10.93 11.53 2.37
N GLN B 129 -11.55 11.17 1.24
CA GLN B 129 -12.91 11.65 0.97
C GLN B 129 -13.89 11.07 1.99
N ALA B 130 -13.75 9.79 2.31
CA ALA B 130 -14.61 9.18 3.33
C ALA B 130 -14.40 9.82 4.69
N ILE B 131 -13.15 10.16 5.02
CA ILE B 131 -12.86 10.83 6.29
C ILE B 131 -13.52 12.20 6.32
N LYS B 132 -13.44 12.95 5.22
CA LYS B 132 -14.07 14.27 5.17
C LYS B 132 -15.59 14.16 5.31
N ALA B 133 -16.19 13.17 4.64
CA ALA B 133 -17.63 12.96 4.78
C ALA B 133 -18.00 12.63 6.23
N ALA B 134 -17.23 11.72 6.85
CA ALA B 134 -17.49 11.36 8.24
C ALA B 134 -17.40 12.57 9.15
N ILE B 135 -16.41 13.44 8.92
CA ILE B 135 -16.30 14.66 9.71
C ILE B 135 -17.50 15.57 9.46
N MET B 136 -17.98 15.61 8.22
CA MET B 136 -19.19 16.39 7.92
C MET B 136 -20.44 15.81 8.57
N LEU B 137 -20.42 14.54 8.95
CA LEU B 137 -21.54 13.96 9.69
C LEU B 137 -21.53 14.29 11.19
N LEU B 138 -20.52 15.02 11.68
CA LEU B 138 -20.43 15.37 13.08
C LEU B 138 -21.26 16.62 13.39
N PRO B 139 -21.58 16.85 14.67
CA PRO B 139 -22.28 18.09 15.03
C PRO B 139 -21.47 19.32 14.68
N ASP B 140 -22.15 20.47 14.64
CA ASP B 140 -21.50 21.72 14.26
C ASP B 140 -20.44 22.13 15.27
N GLU B 141 -20.72 21.99 16.56
CA GLU B 141 -19.76 22.37 17.59
C GLU B 141 -18.52 21.49 17.53
N ASN B 142 -18.72 20.18 17.40
CA ASN B 142 -17.58 19.27 17.27
C ASN B 142 -16.78 19.58 16.01
N ARG B 143 -17.46 19.94 14.92
CA ARG B 143 -16.74 20.26 13.69
C ARG B 143 -15.91 21.53 13.83
N GLU B 144 -16.46 22.56 14.50
CA GLU B 144 -15.69 23.78 14.72
C GLU B 144 -14.48 23.51 15.61
N VAL B 145 -14.68 22.81 16.73
CA VAL B 145 -13.58 22.51 17.63
C VAL B 145 -12.53 21.68 16.90
N LEU B 146 -12.96 20.74 16.05
CA LEU B 146 -12.03 19.90 15.34
C LEU B 146 -11.26 20.69 14.29
N GLN B 147 -11.91 21.64 13.62
CA GLN B 147 -11.20 22.48 12.66
C GLN B 147 -10.13 23.31 13.37
N THR B 148 -10.50 23.92 14.50
CA THR B 148 -9.52 24.69 15.28
C THR B 148 -8.36 23.81 15.72
N LEU B 149 -8.67 22.61 16.24
CA LEU B 149 -7.63 21.75 16.77
C LEU B 149 -6.74 21.19 15.66
N LEU B 150 -7.32 20.89 14.50
CA LEU B 150 -6.53 20.41 13.37
C LEU B 150 -5.61 21.51 12.85
N TYR B 151 -6.10 22.74 12.76
CA TYR B 151 -5.22 23.85 12.39
C TYR B 151 -4.08 23.99 13.39
N PHE B 152 -4.39 23.89 14.69
CA PHE B 152 -3.36 24.01 15.72
C PHE B 152 -2.32 22.89 15.59
N LEU B 153 -2.78 21.66 15.40
CA LEU B 153 -1.84 20.54 15.31
C LEU B 153 -1.02 20.60 14.02
N SER B 154 -1.59 21.13 12.94
CA SER B 154 -0.82 21.35 11.72
C SER B 154 0.27 22.38 11.96
N ASP B 155 -0.07 23.47 12.65
CA ASP B 155 0.97 24.46 13.00
C ASP B 155 2.04 23.84 13.90
N VAL B 156 1.63 22.94 14.79
CA VAL B 156 2.60 22.28 15.68
C VAL B 156 3.55 21.41 14.87
N THR B 157 2.99 20.51 14.06
CA THR B 157 3.82 19.59 13.28
C THR B 157 4.59 20.29 12.17
N ALA B 158 4.24 21.54 11.84
CA ALA B 158 5.04 22.30 10.88
C ALA B 158 6.45 22.58 11.40
N ALA B 159 6.66 22.51 12.71
CA ALA B 159 7.97 22.71 13.32
C ALA B 159 8.65 21.39 13.66
N VAL B 160 8.47 20.38 12.81
CA VAL B 160 8.97 19.05 13.09
C VAL B 160 10.50 19.03 13.11
N LYS B 161 11.15 19.95 12.38
CA LYS B 161 12.61 20.02 12.44
C LYS B 161 13.11 20.45 13.81
N GLU B 162 12.26 21.09 14.62
CA GLU B 162 12.63 21.54 15.95
C GLU B 162 12.07 20.66 17.07
N ASN B 163 10.81 20.22 16.94
CA ASN B 163 10.16 19.46 18.00
C ASN B 163 10.09 17.96 17.73
N GLN B 164 10.47 17.51 16.53
CA GLN B 164 10.48 16.09 16.18
C GLN B 164 9.10 15.45 16.30
N MET B 165 8.05 16.25 16.17
CA MET B 165 6.68 15.76 16.32
C MET B 165 6.07 15.61 14.93
N THR B 166 6.17 14.40 14.38
CA THR B 166 5.53 14.09 13.11
C THR B 166 4.03 14.00 13.29
N PRO B 167 3.26 14.12 12.21
CA PRO B 167 1.80 13.96 12.32
C PRO B 167 1.38 12.64 12.96
N THR B 168 2.05 11.54 12.60
CA THR B 168 1.74 10.27 13.23
C THR B 168 2.12 10.25 14.71
N ASN B 169 3.21 10.93 15.07
CA ASN B 169 3.59 11.03 16.48
C ASN B 169 2.54 11.82 17.26
N LEU B 170 2.10 12.95 16.70
CA LEU B 170 1.02 13.72 17.32
C LEU B 170 -0.25 12.89 17.46
N ALA B 171 -0.55 12.08 16.44
CA ALA B 171 -1.72 11.21 16.50
C ALA B 171 -1.58 10.19 17.61
N VAL B 172 -0.41 9.56 17.72
CA VAL B 172 -0.18 8.60 18.80
C VAL B 172 -0.38 9.25 20.16
N CYS B 173 0.08 10.50 20.29
CA CYS B 173 -0.03 11.17 21.58
C CYS B 173 -1.44 11.65 21.90
N LEU B 174 -2.24 11.99 20.87
CA LEU B 174 -3.50 12.69 21.11
C LEU B 174 -4.76 11.87 20.85
N ALA B 175 -4.69 10.83 20.01
CA ALA B 175 -5.89 10.08 19.66
C ALA B 175 -6.62 9.48 20.86
N PRO B 176 -5.96 8.91 21.87
CA PRO B 176 -6.73 8.45 23.04
C PRO B 176 -7.56 9.55 23.68
N SER B 177 -7.04 10.78 23.73
CA SER B 177 -7.79 11.88 24.32
C SER B 177 -8.94 12.32 23.43
N LEU B 178 -8.74 12.27 22.10
CA LEU B 178 -9.75 12.80 21.18
C LEU B 178 -10.86 11.80 20.91
N PHE B 179 -10.55 10.50 20.92
CA PHE B 179 -11.53 9.45 20.65
C PHE B 179 -12.04 8.77 21.92
N HIS B 180 -11.36 8.94 23.04
CA HIS B 180 -11.64 8.20 24.27
C HIS B 180 -11.48 6.69 24.03
N LEU B 181 -10.26 6.31 23.66
CA LEU B 181 -9.95 4.93 23.34
C LEU B 181 -9.53 4.15 24.59
N ASN B 182 -9.50 2.83 24.45
CA ASN B 182 -9.07 1.95 25.53
C ASN B 182 -7.62 1.52 25.33
N THR B 183 -7.00 1.08 26.43
CA THR B 183 -5.61 0.65 26.43
C THR B 183 -5.46 -0.57 27.32
N LEU B 184 -4.61 -1.49 26.92
CA LEU B 184 -4.38 -2.74 27.62
C LEU B 184 -3.07 -2.70 28.41
N LYS B 185 -2.86 -3.74 29.21
CA LYS B 185 -1.63 -3.89 29.98
C LYS B 185 -1.02 -5.27 29.77
N PRO B 203 -9.77 -5.52 26.66
CA PRO B 203 -9.96 -5.06 25.29
C PRO B 203 -9.89 -6.19 24.26
N ASP B 204 -10.86 -6.20 23.35
CA ASP B 204 -10.94 -7.21 22.31
C ASP B 204 -10.14 -6.80 21.09
N GLN B 205 -10.13 -7.65 20.06
CA GLN B 205 -9.40 -7.36 18.84
C GLN B 205 -10.08 -6.25 18.04
N LYS B 206 -11.42 -6.22 18.02
CA LYS B 206 -12.13 -5.16 17.32
C LYS B 206 -11.79 -3.79 17.89
N ASP B 207 -11.68 -3.70 19.22
CA ASP B 207 -11.36 -2.42 19.86
C ASP B 207 -9.93 -1.99 19.55
N LEU B 208 -8.99 -2.95 19.50
CA LEU B 208 -7.63 -2.60 19.13
C LEU B 208 -7.56 -2.13 17.68
N ASN B 209 -8.32 -2.76 16.79
CA ASN B 209 -8.40 -2.29 15.42
C ASN B 209 -8.99 -0.88 15.37
N GLU B 210 -10.01 -0.61 16.20
CA GLU B 210 -10.55 0.74 16.28
C GLU B 210 -9.50 1.74 16.73
N ASN B 211 -8.68 1.36 17.72
CA ASN B 211 -7.62 2.25 18.19
C ASN B 211 -6.63 2.56 17.07
N LEU B 212 -6.17 1.52 16.37
CA LEU B 212 -5.22 1.73 15.28
C LEU B 212 -5.82 2.59 14.18
N ALA B 213 -7.07 2.32 13.81
CA ALA B 213 -7.71 3.09 12.75
C ALA B 213 -7.94 4.54 13.17
N ALA B 214 -8.26 4.77 14.45
CA ALA B 214 -8.43 6.13 14.94
C ALA B 214 -7.11 6.89 14.90
N THR B 215 -6.02 6.24 15.31
CA THR B 215 -4.71 6.88 15.22
C THR B 215 -4.35 7.18 13.77
N GLN B 216 -4.58 6.23 12.86
CA GLN B 216 -4.29 6.43 11.45
C GLN B 216 -5.11 7.58 10.87
N GLY B 217 -6.40 7.64 11.20
CA GLY B 217 -7.24 8.71 10.69
C GLY B 217 -6.84 10.06 11.23
N LEU B 218 -6.48 10.12 12.52
CA LEU B 218 -6.02 11.39 13.10
C LEU B 218 -4.72 11.85 12.43
N ALA B 219 -3.80 10.91 12.19
CA ALA B 219 -2.56 11.26 11.50
C ALA B 219 -2.83 11.73 10.08
N HIS B 220 -3.78 11.08 9.39
CA HIS B 220 -4.13 11.49 8.04
C HIS B 220 -4.72 12.89 8.02
N MET B 221 -5.60 13.20 8.98
CA MET B 221 -6.21 14.51 9.05
C MET B 221 -5.18 15.58 9.41
N ILE B 222 -4.25 15.26 10.30
CA ILE B 222 -3.22 16.24 10.68
C ILE B 222 -2.28 16.50 9.52
N ALA B 223 -1.87 15.44 8.80
CA ALA B 223 -0.88 15.59 7.75
C ALA B 223 -1.40 16.46 6.61
N GLU B 224 -2.67 16.27 6.23
CA GLU B 224 -3.30 17.05 5.18
C GLU B 224 -4.42 17.85 5.84
N CYS B 225 -4.19 19.14 6.03
CA CYS B 225 -5.13 20.00 6.73
C CYS B 225 -5.41 21.28 5.96
N ARG C 6 -46.41 18.80 17.57
CA ARG C 6 -47.48 19.72 17.91
C ARG C 6 -48.71 19.49 17.05
N ARG C 7 -48.49 19.12 15.80
CA ARG C 7 -49.58 18.75 14.93
C ARG C 7 -50.22 17.45 15.41
N ARG C 8 -51.56 17.42 15.42
CA ARG C 8 -52.27 16.27 15.91
C ARG C 8 -53.27 15.77 14.89
N VAL C 9 -53.48 14.45 14.88
CA VAL C 9 -54.43 13.80 14.01
C VAL C 9 -55.27 12.85 14.86
N ARG C 10 -56.39 12.42 14.29
CA ARG C 10 -57.33 11.55 14.98
C ARG C 10 -57.63 10.35 14.09
N ALA C 11 -57.60 9.16 14.67
CA ALA C 11 -57.90 7.96 13.91
C ALA C 11 -59.41 7.86 13.70
N ILE C 12 -59.80 7.63 12.44
CA ILE C 12 -61.20 7.48 12.07
C ILE C 12 -61.55 6.03 11.76
N LEU C 13 -60.65 5.10 12.09
CA LEU C 13 -60.81 3.71 11.71
C LEU C 13 -59.83 2.82 12.46
N PRO C 14 -60.24 1.63 12.89
CA PRO C 14 -59.28 0.70 13.49
C PRO C 14 -58.37 0.10 12.45
N TYR C 15 -57.15 -0.22 12.87
CA TYR C 15 -56.17 -0.82 11.98
C TYR C 15 -55.25 -1.71 12.81
N THR C 16 -54.87 -2.86 12.24
CA THR C 16 -53.97 -3.80 12.89
C THR C 16 -52.59 -3.74 12.26
N LYS C 17 -51.57 -3.71 13.09
CA LYS C 17 -50.19 -3.60 12.61
C LYS C 17 -49.80 -4.80 11.77
N VAL C 18 -49.08 -4.55 10.69
CA VAL C 18 -48.42 -5.65 9.97
C VAL C 18 -47.28 -6.18 10.83
N PRO C 19 -47.21 -7.49 11.08
CA PRO C 19 -46.20 -8.01 12.01
C PRO C 19 -44.77 -7.73 11.54
N ASP C 20 -43.90 -7.48 12.51
CA ASP C 20 -42.47 -7.25 12.28
C ASP C 20 -42.22 -6.01 11.43
N THR C 21 -42.98 -4.95 11.70
CA THR C 21 -42.79 -3.65 11.06
C THR C 21 -42.85 -2.56 12.11
N ASP C 22 -42.57 -1.33 11.69
CA ASP C 22 -42.58 -0.18 12.59
C ASP C 22 -43.94 0.49 12.69
N GLU C 23 -44.99 -0.14 12.18
CA GLU C 23 -46.33 0.43 12.30
C GLU C 23 -46.83 0.29 13.73
N ILE C 24 -48.00 0.87 13.97
CA ILE C 24 -48.69 0.76 15.25
C ILE C 24 -50.17 0.53 15.00
N SER C 25 -50.77 -0.36 15.77
CA SER C 25 -52.20 -0.59 15.68
C SER C 25 -52.96 0.48 16.46
N PHE C 26 -54.20 0.73 16.04
CA PHE C 26 -55.03 1.72 16.69
C PHE C 26 -56.49 1.42 16.42
N LEU C 27 -57.35 2.03 17.23
CA LEU C 27 -58.79 1.90 17.12
C LEU C 27 -59.40 3.20 16.62
N LYS C 28 -60.68 3.13 16.26
CA LYS C 28 -61.41 4.31 15.81
C LYS C 28 -61.52 5.31 16.96
N GLY C 29 -60.93 6.49 16.78
CA GLY C 29 -60.92 7.52 17.79
C GLY C 29 -59.56 7.82 18.38
N ASP C 30 -58.54 7.01 18.06
CA ASP C 30 -57.21 7.22 18.62
C ASP C 30 -56.63 8.54 18.12
N MET C 31 -56.16 9.36 19.06
CA MET C 31 -55.46 10.58 18.71
C MET C 31 -53.96 10.34 18.69
N PHE C 32 -53.29 10.88 17.68
CA PHE C 32 -51.84 10.80 17.55
C PHE C 32 -51.27 12.21 17.49
N ILE C 33 -50.04 12.35 17.97
CA ILE C 33 -49.25 13.56 17.75
C ILE C 33 -48.17 13.21 16.73
N VAL C 34 -48.14 13.97 15.63
CA VAL C 34 -47.23 13.71 14.53
C VAL C 34 -45.87 14.33 14.83
N HIS C 35 -44.84 13.51 14.87
CA HIS C 35 -43.48 14.02 15.05
C HIS C 35 -42.81 14.33 13.72
N ASN C 36 -42.95 13.45 12.74
CA ASN C 36 -42.34 13.63 11.43
C ASN C 36 -43.30 13.18 10.34
N GLU C 37 -43.21 13.85 9.20
CA GLU C 37 -44.01 13.53 8.02
C GLU C 37 -43.08 13.01 6.93
N LEU C 38 -43.35 11.81 6.44
CA LEU C 38 -42.50 11.16 5.46
C LEU C 38 -43.12 11.25 4.07
N GLU C 39 -42.44 10.63 3.10
CA GLU C 39 -42.93 10.62 1.73
C GLU C 39 -44.11 9.67 1.60
N ASP C 40 -44.96 9.94 0.60
CA ASP C 40 -46.11 9.10 0.27
C ASP C 40 -47.10 9.03 1.43
N GLY C 41 -47.33 10.17 2.09
CA GLY C 41 -48.36 10.27 3.09
C GLY C 41 -48.12 9.49 4.38
N TRP C 42 -46.91 8.99 4.59
CA TRP C 42 -46.59 8.29 5.82
C TRP C 42 -46.14 9.28 6.89
N MET C 43 -46.53 9.00 8.13
CA MET C 43 -46.23 9.88 9.25
C MET C 43 -45.76 9.06 10.44
N TRP C 44 -44.67 9.50 11.06
CA TRP C 44 -44.22 8.97 12.34
C TRP C 44 -44.96 9.70 13.44
N VAL C 45 -45.71 8.96 14.25
CA VAL C 45 -46.60 9.55 15.24
C VAL C 45 -46.48 8.80 16.56
N THR C 46 -46.89 9.47 17.63
CA THR C 46 -47.06 8.88 18.94
C THR C 46 -48.56 8.74 19.21
N ASN C 47 -49.00 7.51 19.47
CA ASN C 47 -50.38 7.28 19.86
C ASN C 47 -50.58 7.73 21.30
N LEU C 48 -51.55 8.62 21.51
CA LEU C 48 -51.77 9.15 22.86
C LEU C 48 -52.39 8.10 23.78
N ARG C 49 -53.11 7.13 23.22
CA ARG C 49 -53.75 6.11 24.05
C ARG C 49 -52.72 5.12 24.59
N THR C 50 -51.87 4.59 23.73
CA THR C 50 -50.93 3.54 24.11
C THR C 50 -49.52 4.06 24.39
N ASP C 51 -49.25 5.33 24.11
CA ASP C 51 -47.93 5.93 24.32
C ASP C 51 -46.84 5.15 23.57
N GLU C 52 -47.15 4.73 22.35
CA GLU C 52 -46.18 4.05 21.50
C GLU C 52 -46.02 4.83 20.21
N GLN C 53 -44.79 4.88 19.71
CA GLN C 53 -44.46 5.58 18.49
C GLN C 53 -44.38 4.59 17.33
N GLY C 54 -44.80 5.05 16.16
CA GLY C 54 -44.77 4.19 15.00
C GLY C 54 -45.14 4.94 13.75
N LEU C 55 -45.46 4.17 12.71
CA LEU C 55 -45.79 4.71 11.40
C LEU C 55 -47.28 4.52 11.12
N ILE C 56 -47.91 5.56 10.58
CA ILE C 56 -49.29 5.49 10.13
C ILE C 56 -49.38 6.15 8.75
N VAL C 57 -50.49 5.90 8.07
CA VAL C 57 -50.73 6.45 6.74
C VAL C 57 -51.74 7.58 6.87
N GLU C 58 -51.60 8.57 5.98
CA GLU C 58 -52.47 9.75 6.00
C GLU C 58 -53.92 9.41 5.68
N ASP C 59 -54.17 8.29 5.01
CA ASP C 59 -55.51 7.95 4.57
C ASP C 59 -56.45 7.59 5.72
N LEU C 60 -55.92 7.30 6.90
CA LEU C 60 -56.72 6.83 8.02
C LEU C 60 -56.87 7.87 9.13
N VAL C 61 -56.41 9.10 8.92
CA VAL C 61 -56.41 10.11 9.96
C VAL C 61 -57.21 11.33 9.52
N GLU C 62 -57.64 12.10 10.51
CA GLU C 62 -58.42 13.32 10.33
C GLU C 62 -57.78 14.43 11.13
N GLU C 63 -57.71 15.63 10.53
CA GLU C 63 -57.13 16.76 11.23
C GLU C 63 -58.04 17.20 12.38
N VAL C 64 -57.43 17.78 13.41
CA VAL C 64 -58.19 18.23 14.58
C VAL C 64 -58.01 19.73 14.78
N TYR D 15 -21.95 -23.17 9.67
CA TYR D 15 -22.71 -23.17 8.41
C TYR D 15 -22.48 -24.48 7.66
N PHE D 16 -23.58 -25.15 7.34
CA PHE D 16 -23.57 -26.49 6.77
C PHE D 16 -23.55 -26.46 5.25
N GLN D 17 -23.21 -27.62 4.67
CA GLN D 17 -23.05 -27.75 3.23
C GLN D 17 -24.40 -27.59 2.53
N GLY D 18 -24.48 -26.65 1.59
CA GLY D 18 -25.69 -26.45 0.83
C GLY D 18 -26.76 -25.63 1.52
N SER D 19 -26.42 -24.89 2.58
CA SER D 19 -27.39 -24.12 3.32
C SER D 19 -27.50 -22.71 2.75
N VAL D 20 -28.74 -22.22 2.66
CA VAL D 20 -29.02 -20.91 2.09
C VAL D 20 -29.30 -19.88 3.18
N PHE D 21 -30.24 -20.18 4.06
CA PHE D 21 -30.65 -19.24 5.10
C PHE D 21 -29.66 -19.25 6.26
N GLY D 22 -29.45 -18.09 6.86
CA GLY D 22 -28.55 -17.98 7.99
C GLY D 22 -27.08 -18.09 7.65
N VAL D 23 -26.71 -18.09 6.39
CA VAL D 23 -25.32 -18.20 5.95
C VAL D 23 -24.85 -16.82 5.53
N PRO D 24 -23.77 -16.29 6.13
CA PRO D 24 -23.31 -14.95 5.75
C PRO D 24 -22.85 -14.89 4.31
N LEU D 25 -22.79 -13.66 3.78
CA LEU D 25 -22.50 -13.46 2.38
C LEU D 25 -21.06 -13.83 2.02
N THR D 26 -20.14 -13.72 2.99
CA THR D 26 -18.75 -14.06 2.71
C THR D 26 -18.59 -15.54 2.41
N VAL D 27 -19.32 -16.39 3.14
CA VAL D 27 -19.27 -17.82 2.86
C VAL D 27 -19.87 -18.12 1.48
N ASN D 28 -20.94 -17.42 1.11
CA ASN D 28 -21.53 -17.60 -0.21
C ASN D 28 -20.54 -17.21 -1.30
N VAL D 29 -19.79 -16.13 -1.09
CA VAL D 29 -18.79 -15.73 -2.08
C VAL D 29 -17.66 -16.76 -2.15
N GLN D 30 -17.19 -17.24 -0.99
CA GLN D 30 -16.10 -18.19 -0.96
C GLN D 30 -16.51 -19.55 -1.52
N ARG D 31 -17.80 -19.88 -1.51
CA ARG D 31 -18.25 -21.16 -2.03
C ARG D 31 -18.68 -21.12 -3.49
N THR D 32 -19.24 -19.99 -3.97
CA THR D 32 -19.74 -19.90 -5.33
C THR D 32 -19.15 -18.75 -6.13
N GLY D 33 -18.71 -17.68 -5.48
CA GLY D 33 -18.23 -16.49 -6.15
C GLY D 33 -19.19 -15.32 -6.13
N GLN D 34 -20.44 -15.55 -5.77
CA GLN D 34 -21.39 -14.46 -5.65
C GLN D 34 -22.10 -14.51 -4.30
N PRO D 35 -22.41 -13.35 -3.72
CA PRO D 35 -22.93 -13.34 -2.35
C PRO D 35 -24.36 -13.83 -2.22
N LEU D 36 -25.20 -13.65 -3.25
CA LEU D 36 -26.55 -14.17 -3.11
C LEU D 36 -26.62 -15.60 -3.65
N PRO D 37 -27.23 -16.53 -2.92
CA PRO D 37 -27.43 -17.88 -3.46
C PRO D 37 -28.34 -17.84 -4.68
N GLN D 38 -28.20 -18.87 -5.51
CA GLN D 38 -29.03 -18.96 -6.71
C GLN D 38 -30.51 -19.12 -6.35
N SER D 39 -30.80 -19.70 -5.18
CA SER D 39 -32.19 -19.81 -4.74
C SER D 39 -32.82 -18.45 -4.56
N ILE D 40 -32.12 -17.53 -3.90
CA ILE D 40 -32.67 -16.20 -3.64
C ILE D 40 -32.77 -15.41 -4.93
N GLN D 41 -31.77 -15.53 -5.81
CA GLN D 41 -31.82 -14.84 -7.09
C GLN D 41 -32.97 -15.35 -7.96
N GLN D 42 -33.20 -16.66 -7.96
CA GLN D 42 -34.34 -17.21 -8.68
C GLN D 42 -35.67 -16.76 -8.07
N ALA D 43 -35.72 -16.62 -6.75
CA ALA D 43 -36.92 -16.06 -6.12
C ALA D 43 -37.18 -14.64 -6.59
N MET D 44 -36.13 -13.83 -6.63
CA MET D 44 -36.26 -12.47 -7.13
C MET D 44 -36.70 -12.45 -8.59
N ARG D 45 -36.18 -13.39 -9.39
CA ARG D 45 -36.58 -13.47 -10.80
C ARG D 45 -38.04 -13.86 -10.93
N TYR D 46 -38.51 -14.79 -10.11
CA TYR D 46 -39.92 -15.17 -10.16
C TYR D 46 -40.82 -14.00 -9.79
N LEU D 47 -40.45 -13.27 -8.73
CA LEU D 47 -41.24 -12.10 -8.34
C LEU D 47 -41.20 -11.03 -9.42
N ARG D 48 -40.05 -10.85 -10.07
CA ARG D 48 -39.90 -9.82 -11.09
C ARG D 48 -40.66 -10.17 -12.36
N ASN D 49 -40.79 -11.46 -12.68
CA ASN D 49 -41.39 -11.88 -13.94
C ASN D 49 -42.89 -12.12 -13.84
N HIS D 50 -43.37 -12.73 -12.75
CA HIS D 50 -44.76 -13.18 -12.70
C HIS D 50 -45.56 -12.60 -11.55
N CYS D 51 -45.00 -11.64 -10.80
CA CYS D 51 -45.65 -11.19 -9.57
C CYS D 51 -45.68 -9.68 -9.38
N LEU D 52 -45.09 -8.89 -10.27
CA LEU D 52 -44.97 -7.46 -10.04
C LEU D 52 -46.31 -6.73 -10.04
N ASP D 53 -47.39 -7.37 -10.48
CA ASP D 53 -48.70 -6.73 -10.50
C ASP D 53 -49.59 -7.15 -9.33
N GLN D 54 -49.07 -7.99 -8.44
CA GLN D 54 -49.84 -8.42 -7.27
C GLN D 54 -50.01 -7.25 -6.30
N VAL D 55 -51.25 -6.95 -5.94
CA VAL D 55 -51.53 -5.84 -5.04
C VAL D 55 -51.01 -6.18 -3.65
N GLY D 56 -50.30 -5.22 -3.04
CA GLY D 56 -49.82 -5.38 -1.68
C GLY D 56 -48.66 -6.33 -1.51
N LEU D 57 -47.76 -6.39 -2.49
CA LEU D 57 -46.60 -7.27 -2.39
C LEU D 57 -45.71 -6.84 -1.24
N PHE D 58 -45.11 -7.82 -0.56
CA PHE D 58 -44.24 -7.62 0.60
C PHE D 58 -44.98 -7.08 1.82
N ARG D 59 -46.26 -6.73 1.66
CA ARG D 59 -47.10 -6.32 2.77
C ARG D 59 -48.09 -7.41 3.17
N LYS D 60 -48.92 -7.86 2.22
CA LYS D 60 -49.84 -8.94 2.50
C LYS D 60 -49.07 -10.20 2.88
N SER D 61 -49.33 -10.71 4.07
CA SER D 61 -48.55 -11.83 4.60
C SER D 61 -48.84 -13.09 3.81
N GLY D 62 -47.81 -13.93 3.68
CA GLY D 62 -47.95 -15.24 3.08
C GLY D 62 -48.60 -16.21 4.02
N VAL D 63 -48.28 -17.49 3.83
CA VAL D 63 -48.84 -18.57 4.65
C VAL D 63 -47.69 -19.39 5.19
N LYS D 64 -47.71 -19.64 6.51
CA LYS D 64 -46.58 -20.28 7.18
C LYS D 64 -46.24 -21.63 6.54
N SER D 65 -47.26 -22.42 6.20
CA SER D 65 -47.01 -23.72 5.60
C SER D 65 -46.29 -23.59 4.26
N ARG D 66 -46.79 -22.71 3.39
CA ARG D 66 -46.21 -22.58 2.07
C ARG D 66 -44.84 -21.91 2.11
N ILE D 67 -44.64 -20.94 3.02
CA ILE D 67 -43.33 -20.31 3.14
C ILE D 67 -42.32 -21.31 3.70
N GLN D 68 -42.74 -22.15 4.65
CA GLN D 68 -41.84 -23.18 5.15
C GLN D 68 -41.55 -24.23 4.09
N ALA D 69 -42.52 -24.52 3.22
CA ALA D 69 -42.25 -25.41 2.09
C ALA D 69 -41.24 -24.78 1.14
N LEU D 70 -41.33 -23.46 0.92
CA LEU D 70 -40.34 -22.78 0.10
C LEU D 70 -38.95 -22.85 0.72
N ARG D 71 -38.88 -22.71 2.06
CA ARG D 71 -37.58 -22.85 2.73
C ARG D 71 -37.04 -24.27 2.62
N GLN D 72 -37.90 -25.28 2.81
CA GLN D 72 -37.52 -26.66 2.57
C GLN D 72 -36.93 -26.83 1.18
N MET D 73 -37.58 -26.24 0.18
CA MET D 73 -37.10 -26.31 -1.19
C MET D 73 -35.75 -25.63 -1.34
N ASN D 74 -35.59 -24.45 -0.73
CA ASN D 74 -34.34 -23.71 -0.86
C ASN D 74 -33.17 -24.48 -0.26
N GLU D 75 -33.28 -24.88 1.00
CA GLU D 75 -32.16 -25.48 1.71
C GLU D 75 -31.96 -26.93 1.28
N GLY D 76 -30.74 -27.25 0.85
CA GLY D 76 -30.38 -28.61 0.49
C GLY D 76 -30.61 -29.00 -0.95
N ALA D 77 -31.35 -28.20 -1.73
CA ALA D 77 -31.62 -28.55 -3.12
C ALA D 77 -30.39 -28.34 -3.98
N ILE D 78 -29.91 -29.42 -4.60
CA ILE D 78 -28.79 -29.31 -5.53
C ILE D 78 -29.26 -28.90 -6.92
N ASP D 79 -30.51 -29.20 -7.26
CA ASP D 79 -31.05 -28.89 -8.58
C ASP D 79 -31.48 -27.43 -8.63
N CYS D 80 -32.09 -27.03 -9.74
CA CYS D 80 -32.61 -25.67 -9.86
C CYS D 80 -33.89 -25.54 -9.05
N VAL D 81 -34.00 -24.46 -8.30
CA VAL D 81 -35.15 -24.22 -7.44
C VAL D 81 -36.23 -23.55 -8.30
N ASN D 82 -37.31 -24.27 -8.54
CA ASN D 82 -38.42 -23.75 -9.34
C ASN D 82 -39.47 -23.14 -8.43
N TYR D 83 -39.90 -21.92 -8.76
CA TYR D 83 -40.90 -21.20 -7.98
C TYR D 83 -42.25 -21.11 -8.68
N GLU D 84 -42.39 -21.71 -9.86
CA GLU D 84 -43.66 -21.61 -10.57
C GLU D 84 -44.76 -22.32 -9.80
N GLY D 85 -45.95 -21.74 -9.81
CA GLY D 85 -47.05 -22.29 -9.05
C GLY D 85 -47.01 -21.98 -7.58
N GLN D 86 -46.32 -20.90 -7.20
CA GLN D 86 -46.20 -20.49 -5.81
C GLN D 86 -46.84 -19.11 -5.64
N SER D 87 -47.47 -18.89 -4.50
CA SER D 87 -48.05 -17.59 -4.21
C SER D 87 -46.95 -16.53 -4.14
N ALA D 88 -47.23 -15.37 -4.71
CA ALA D 88 -46.25 -14.28 -4.71
C ALA D 88 -45.92 -13.83 -3.29
N TYR D 89 -46.93 -13.78 -2.43
CA TYR D 89 -46.72 -13.33 -1.06
C TYR D 89 -45.85 -14.30 -0.28
N ASP D 90 -45.98 -15.60 -0.54
CA ASP D 90 -45.10 -16.58 0.10
C ASP D 90 -43.64 -16.32 -0.26
N VAL D 91 -43.37 -16.07 -1.55
CA VAL D 91 -42.00 -15.84 -1.98
C VAL D 91 -41.46 -14.51 -1.43
N ALA D 92 -42.30 -13.48 -1.41
CA ALA D 92 -41.86 -12.18 -0.88
C ALA D 92 -41.53 -12.29 0.60
N ASP D 93 -42.42 -12.95 1.37
CA ASP D 93 -42.13 -13.15 2.79
C ASP D 93 -40.92 -14.06 2.99
N MET D 94 -40.66 -14.98 2.07
CA MET D 94 -39.45 -15.80 2.17
C MET D 94 -38.21 -14.94 2.00
N LEU D 95 -38.23 -14.02 1.04
CA LEU D 95 -37.10 -13.09 0.90
C LEU D 95 -36.92 -12.25 2.16
N LYS D 96 -38.03 -11.73 2.70
CA LYS D 96 -37.94 -10.95 3.95
C LYS D 96 -37.36 -11.79 5.08
N GLN D 97 -37.73 -13.07 5.15
CA GLN D 97 -37.21 -13.93 6.20
C GLN D 97 -35.73 -14.24 5.97
N TYR D 98 -35.30 -14.37 4.71
CA TYR D 98 -33.89 -14.62 4.44
C TYR D 98 -33.04 -13.43 4.86
N PHE D 99 -33.47 -12.23 4.50
CA PHE D 99 -32.72 -11.05 4.95
C PHE D 99 -32.86 -10.83 6.45
N ARG D 100 -33.93 -11.36 7.06
CA ARG D 100 -34.05 -11.33 8.51
C ARG D 100 -33.15 -12.37 9.17
N ASP D 101 -33.03 -13.55 8.56
CA ASP D 101 -32.30 -14.67 9.15
C ASP D 101 -30.79 -14.60 8.92
N LEU D 102 -30.27 -13.52 8.36
CA LEU D 102 -28.82 -13.39 8.23
C LEU D 102 -28.18 -13.19 9.60
N PRO D 103 -26.97 -13.71 9.81
CA PRO D 103 -26.32 -13.54 11.11
C PRO D 103 -26.14 -12.08 11.50
N GLU D 104 -25.67 -11.26 10.57
CA GLU D 104 -25.68 -9.82 10.70
C GLU D 104 -26.60 -9.22 9.64
N PRO D 105 -27.19 -8.06 9.89
CA PRO D 105 -28.08 -7.46 8.90
C PRO D 105 -27.31 -7.10 7.63
N LEU D 106 -28.02 -7.16 6.49
CA LEU D 106 -27.43 -6.72 5.24
C LEU D 106 -26.86 -5.32 5.37
N MET D 107 -27.65 -4.42 5.96
CA MET D 107 -27.20 -3.08 6.30
C MET D 107 -26.71 -3.11 7.74
N THR D 108 -25.41 -2.92 7.94
CA THR D 108 -24.77 -3.14 9.24
C THR D 108 -25.44 -2.32 10.35
N ASN D 109 -25.19 -2.74 11.59
CA ASN D 109 -25.79 -2.09 12.75
C ASN D 109 -25.44 -0.61 12.82
N LYS D 110 -24.30 -0.21 12.26
CA LYS D 110 -23.88 1.18 12.26
C LYS D 110 -24.64 2.03 11.25
N LEU D 111 -25.27 1.42 10.25
CA LEU D 111 -25.89 2.19 9.18
C LEU D 111 -27.17 2.87 9.64
N SER D 112 -27.88 2.30 10.62
CA SER D 112 -29.03 2.99 11.18
C SER D 112 -28.61 4.29 11.86
N GLU D 113 -27.54 4.23 12.66
CA GLU D 113 -27.01 5.44 13.29
C GLU D 113 -26.53 6.43 12.24
N THR D 114 -25.89 5.94 11.17
CA THR D 114 -25.42 6.82 10.12
C THR D 114 -26.57 7.52 9.42
N PHE D 115 -27.66 6.80 9.16
CA PHE D 115 -28.84 7.43 8.54
C PHE D 115 -29.45 8.46 9.47
N LEU D 116 -29.48 8.17 10.78
CA LEU D 116 -29.98 9.16 11.74
C LEU D 116 -29.14 10.42 11.70
N GLN D 117 -27.81 10.26 11.71
CA GLN D 117 -26.92 11.42 11.65
C GLN D 117 -27.11 12.20 10.35
N ILE D 118 -27.32 11.48 9.24
CA ILE D 118 -27.53 12.15 7.96
C ILE D 118 -28.80 12.99 7.99
N TYR D 119 -29.90 12.39 8.46
CA TYR D 119 -31.15 13.14 8.53
C TYR D 119 -31.15 14.21 9.60
N GLN D 120 -30.18 14.18 10.52
CA GLN D 120 -30.09 15.22 11.55
C GLN D 120 -29.24 16.41 11.12
N TYR D 121 -28.04 16.16 10.57
CA TYR D 121 -27.08 17.23 10.34
C TYR D 121 -26.87 17.60 8.88
N VAL D 122 -27.21 16.72 7.94
CA VAL D 122 -26.99 16.99 6.52
C VAL D 122 -28.21 17.66 5.91
N PRO D 123 -28.06 18.76 5.18
CA PRO D 123 -29.22 19.39 4.53
C PRO D 123 -29.84 18.46 3.50
N LYS D 124 -31.10 18.76 3.16
CA LYS D 124 -31.90 17.84 2.36
C LYS D 124 -31.32 17.65 0.96
N ASP D 125 -30.73 18.70 0.39
CA ASP D 125 -30.20 18.64 -0.96
C ASP D 125 -28.92 17.81 -1.08
N GLN D 126 -28.26 17.49 0.04
CA GLN D 126 -27.03 16.71 0.02
C GLN D 126 -27.18 15.38 0.74
N ARG D 127 -28.40 14.99 1.11
CA ARG D 127 -28.59 13.75 1.85
C ARG D 127 -28.25 12.54 0.99
N LEU D 128 -28.54 12.59 -0.30
CA LEU D 128 -28.28 11.45 -1.17
C LEU D 128 -26.79 11.17 -1.27
N GLN D 129 -25.96 12.21 -1.35
CA GLN D 129 -24.51 12.00 -1.42
C GLN D 129 -23.98 11.39 -0.12
N ALA D 130 -24.45 11.86 1.02
CA ALA D 130 -24.02 11.28 2.29
C ALA D 130 -24.44 9.83 2.38
N ILE D 131 -25.64 9.51 1.90
CA ILE D 131 -26.10 8.12 1.89
C ILE D 131 -25.22 7.27 0.98
N LYS D 132 -24.84 7.82 -0.19
CA LYS D 132 -23.97 7.07 -1.09
C LYS D 132 -22.61 6.81 -0.47
N ALA D 133 -22.05 7.81 0.23
CA ALA D 133 -20.78 7.59 0.93
C ALA D 133 -20.93 6.52 2.00
N ALA D 134 -22.01 6.58 2.78
CA ALA D 134 -22.25 5.57 3.80
C ALA D 134 -22.34 4.18 3.21
N ILE D 135 -23.02 4.05 2.05
CA ILE D 135 -23.09 2.76 1.38
C ILE D 135 -21.71 2.33 0.90
N MET D 136 -20.90 3.29 0.46
CA MET D 136 -19.53 2.96 0.08
C MET D 136 -18.72 2.49 1.29
N LEU D 137 -19.17 2.81 2.50
CA LEU D 137 -18.54 2.29 3.71
C LEU D 137 -18.97 0.86 4.04
N LEU D 138 -19.86 0.25 3.26
CA LEU D 138 -20.30 -1.10 3.55
C LEU D 138 -19.33 -2.12 2.98
N PRO D 139 -19.38 -3.38 3.47
CA PRO D 139 -18.53 -4.42 2.90
C PRO D 139 -18.84 -4.68 1.44
N ASP D 140 -17.91 -5.36 0.76
CA ASP D 140 -18.06 -5.61 -0.66
C ASP D 140 -19.25 -6.51 -0.95
N GLU D 141 -19.40 -7.58 -0.17
CA GLU D 141 -20.51 -8.51 -0.39
C GLU D 141 -21.84 -7.85 -0.08
N ASN D 142 -21.91 -7.12 1.04
CA ASN D 142 -23.13 -6.40 1.38
C ASN D 142 -23.45 -5.35 0.31
N ARG D 143 -22.43 -4.70 -0.24
CA ARG D 143 -22.69 -3.71 -1.28
C ARG D 143 -23.22 -4.36 -2.56
N GLU D 144 -22.69 -5.52 -2.93
CA GLU D 144 -23.20 -6.23 -4.10
C GLU D 144 -24.65 -6.64 -3.90
N VAL D 145 -24.95 -7.25 -2.75
CA VAL D 145 -26.31 -7.69 -2.46
C VAL D 145 -27.26 -6.50 -2.41
N LEU D 146 -26.79 -5.38 -1.85
CA LEU D 146 -27.64 -4.20 -1.74
C LEU D 146 -27.89 -3.57 -3.10
N GLN D 147 -26.88 -3.55 -3.98
CA GLN D 147 -27.10 -3.03 -5.32
C GLN D 147 -28.13 -3.88 -6.06
N THR D 148 -27.99 -5.20 -5.97
CA THR D 148 -28.97 -6.10 -6.58
C THR D 148 -30.36 -5.86 -6.01
N LEU D 149 -30.46 -5.74 -4.68
CA LEU D 149 -31.76 -5.57 -4.04
C LEU D 149 -32.38 -4.23 -4.36
N LEU D 150 -31.58 -3.17 -4.45
CA LEU D 150 -32.11 -1.86 -4.81
C LEU D 150 -32.62 -1.86 -6.24
N TYR D 151 -31.88 -2.49 -7.16
CA TYR D 151 -32.40 -2.62 -8.52
C TYR D 151 -33.71 -3.40 -8.54
N PHE D 152 -33.79 -4.49 -7.78
CA PHE D 152 -35.01 -5.30 -7.74
C PHE D 152 -36.19 -4.50 -7.19
N LEU D 153 -35.96 -3.77 -6.08
CA LEU D 153 -37.03 -3.00 -5.48
C LEU D 153 -37.45 -1.82 -6.36
N SER D 154 -36.51 -1.26 -7.12
CA SER D 154 -36.89 -0.24 -8.09
C SER D 154 -37.77 -0.81 -9.18
N ASP D 155 -37.44 -2.02 -9.67
CA ASP D 155 -38.32 -2.69 -10.64
C ASP D 155 -39.68 -2.98 -10.02
N VAL D 156 -39.72 -3.32 -8.74
CA VAL D 156 -40.99 -3.60 -8.07
C VAL D 156 -41.84 -2.34 -8.00
N THR D 157 -41.27 -1.25 -7.48
CA THR D 157 -42.01 0.00 -7.34
C THR D 157 -42.32 0.65 -8.68
N ALA D 158 -41.66 0.22 -9.77
CA ALA D 158 -42.03 0.71 -11.09
C ALA D 158 -43.44 0.29 -11.47
N ALA D 159 -44.00 -0.73 -10.84
CA ALA D 159 -45.37 -1.19 -11.08
C ALA D 159 -46.33 -0.67 -10.02
N VAL D 160 -46.13 0.57 -9.56
CA VAL D 160 -46.94 1.11 -8.48
C VAL D 160 -48.40 1.28 -8.91
N LYS D 161 -48.63 1.48 -10.21
CA LYS D 161 -50.00 1.56 -10.70
C LYS D 161 -50.75 0.24 -10.57
N GLU D 162 -50.03 -0.87 -10.44
CA GLU D 162 -50.64 -2.18 -10.29
C GLU D 162 -50.61 -2.71 -8.86
N ASN D 163 -49.49 -2.52 -8.15
CA ASN D 163 -49.35 -3.07 -6.80
C ASN D 163 -49.55 -2.04 -5.70
N GLN D 164 -49.68 -0.76 -6.04
CA GLN D 164 -49.92 0.30 -5.05
C GLN D 164 -48.79 0.38 -4.02
N MET D 165 -47.59 -0.05 -4.40
CA MET D 165 -46.45 -0.09 -3.48
C MET D 165 -45.55 1.12 -3.76
N THR D 166 -45.75 2.18 -2.98
CA THR D 166 -44.88 3.34 -3.06
C THR D 166 -43.52 3.02 -2.45
N PRO D 167 -42.49 3.80 -2.80
CA PRO D 167 -41.17 3.56 -2.18
C PRO D 167 -41.19 3.60 -0.66
N THR D 168 -41.93 4.53 -0.07
CA THR D 168 -42.01 4.59 1.39
C THR D 168 -42.74 3.37 1.95
N ASN D 169 -43.75 2.86 1.24
CA ASN D 169 -44.43 1.64 1.68
C ASN D 169 -43.47 0.45 1.68
N LEU D 170 -42.69 0.31 0.61
CA LEU D 170 -41.67 -0.74 0.57
C LEU D 170 -40.66 -0.56 1.69
N ALA D 171 -40.30 0.68 2.00
CA ALA D 171 -39.37 0.93 3.09
C ALA D 171 -39.96 0.48 4.42
N VAL D 172 -41.23 0.84 4.68
CA VAL D 172 -41.88 0.41 5.92
C VAL D 172 -41.91 -1.11 6.01
N CYS D 173 -42.14 -1.78 4.88
CA CYS D 173 -42.24 -3.23 4.90
C CYS D 173 -40.89 -3.92 5.03
N LEU D 174 -39.81 -3.31 4.52
CA LEU D 174 -38.55 -4.02 4.38
C LEU D 174 -37.45 -3.55 5.34
N ALA D 175 -37.53 -2.32 5.85
CA ALA D 175 -36.47 -1.82 6.72
C ALA D 175 -36.26 -2.69 7.96
N PRO D 176 -37.29 -3.22 8.63
CA PRO D 176 -37.01 -4.15 9.73
C PRO D 176 -36.19 -5.35 9.30
N SER D 177 -36.43 -5.87 8.09
CA SER D 177 -35.68 -7.03 7.63
C SER D 177 -34.26 -6.66 7.22
N LEU D 178 -34.07 -5.47 6.63
CA LEU D 178 -32.76 -5.10 6.10
C LEU D 178 -31.84 -4.54 7.18
N PHE D 179 -32.39 -3.86 8.18
CA PHE D 179 -31.60 -3.27 9.25
C PHE D 179 -31.59 -4.09 10.52
N HIS D 180 -32.51 -5.05 10.66
CA HIS D 180 -32.72 -5.80 11.90
C HIS D 180 -33.09 -4.85 13.05
N LEU D 181 -34.21 -4.18 12.88
CA LEU D 181 -34.71 -3.19 13.82
C LEU D 181 -35.60 -3.84 14.88
N ASN D 182 -35.93 -3.06 15.91
CA ASN D 182 -36.83 -3.47 16.97
C ASN D 182 -38.24 -2.97 16.70
N THR D 183 -39.21 -3.60 17.38
CA THR D 183 -40.61 -3.32 17.17
C THR D 183 -41.33 -3.30 18.51
N LEU D 184 -42.32 -2.41 18.64
CA LEU D 184 -43.06 -2.24 19.88
C LEU D 184 -44.41 -2.96 19.80
N PRO D 203 -37.80 0.24 21.77
CA PRO D 203 -37.35 0.28 23.16
C PRO D 203 -37.11 1.71 23.64
N ASP D 204 -35.90 2.23 23.43
CA ASP D 204 -35.57 3.59 23.83
C ASP D 204 -35.93 4.57 22.73
N GLN D 205 -35.72 5.86 23.00
CA GLN D 205 -36.01 6.90 22.01
C GLN D 205 -34.99 6.89 20.88
N LYS D 206 -33.72 6.65 21.20
CA LYS D 206 -32.70 6.59 20.16
C LYS D 206 -32.97 5.47 19.16
N ASP D 207 -33.47 4.32 19.66
CA ASP D 207 -33.77 3.22 18.76
C ASP D 207 -34.95 3.54 17.85
N LEU D 208 -35.96 4.25 18.38
CA LEU D 208 -37.07 4.65 17.54
C LEU D 208 -36.64 5.66 16.49
N ASN D 209 -35.76 6.60 16.86
CA ASN D 209 -35.22 7.52 15.87
C ASN D 209 -34.41 6.77 14.81
N GLU D 210 -33.64 5.76 15.22
CA GLU D 210 -32.93 4.93 14.26
C GLU D 210 -33.88 4.22 13.31
N ASN D 211 -34.98 3.69 13.84
CA ASN D 211 -35.97 3.02 13.00
C ASN D 211 -36.55 3.99 11.97
N LEU D 212 -36.96 5.17 12.42
CA LEU D 212 -37.54 6.15 11.51
C LEU D 212 -36.54 6.57 10.44
N ALA D 213 -35.29 6.85 10.85
CA ALA D 213 -34.28 7.27 9.89
C ALA D 213 -33.94 6.16 8.91
N ALA D 214 -33.90 4.91 9.38
CA ALA D 214 -33.62 3.79 8.48
C ALA D 214 -34.73 3.63 7.45
N THR D 215 -35.99 3.74 7.89
CA THR D 215 -37.10 3.65 6.94
C THR D 215 -37.04 4.80 5.93
N GLN D 216 -36.77 6.01 6.40
CA GLN D 216 -36.66 7.15 5.49
C GLN D 216 -35.52 6.97 4.49
N GLY D 217 -34.36 6.51 4.96
CA GLY D 217 -33.25 6.31 4.06
C GLY D 217 -33.50 5.20 3.04
N LEU D 218 -34.14 4.11 3.47
CA LEU D 218 -34.47 3.05 2.53
C LEU D 218 -35.47 3.54 1.48
N ALA D 219 -36.47 4.32 1.90
CA ALA D 219 -37.41 4.89 0.95
C ALA D 219 -36.70 5.82 -0.03
N HIS D 220 -35.75 6.62 0.48
CA HIS D 220 -34.99 7.52 -0.39
C HIS D 220 -34.18 6.73 -1.40
N MET D 221 -33.53 5.65 -0.97
CA MET D 221 -32.73 4.83 -1.88
C MET D 221 -33.60 4.16 -2.93
N ILE D 222 -34.78 3.68 -2.54
CA ILE D 222 -35.66 3.04 -3.51
C ILE D 222 -36.20 4.06 -4.50
N ALA D 223 -36.61 5.24 -4.00
CA ALA D 223 -37.21 6.24 -4.87
C ALA D 223 -36.22 6.76 -5.91
N GLU D 224 -34.98 7.00 -5.49
CA GLU D 224 -33.91 7.48 -6.37
C GLU D 224 -32.84 6.39 -6.40
N CYS D 225 -32.77 5.67 -7.52
CA CYS D 225 -31.85 4.55 -7.63
C CYS D 225 -31.00 4.64 -8.88
N LYS D 226 -31.51 5.31 -9.92
CA LYS D 226 -30.67 5.62 -11.06
C LYS D 226 -29.49 6.51 -10.68
N LYS D 227 -29.55 7.12 -9.50
CA LYS D 227 -28.45 7.93 -8.98
C LYS D 227 -27.64 7.13 -7.97
N ARG E 6 17.57 -29.09 -27.73
CA ARG E 6 17.61 -30.28 -28.56
C ARG E 6 16.23 -30.78 -28.95
N ARG E 7 15.32 -30.83 -27.99
CA ARG E 7 13.96 -31.28 -28.28
C ARG E 7 13.31 -30.38 -29.31
N ARG E 8 12.81 -31.00 -30.38
CA ARG E 8 12.16 -30.27 -31.47
C ARG E 8 10.68 -30.62 -31.52
N VAL E 9 9.87 -29.63 -31.91
CA VAL E 9 8.43 -29.79 -32.04
C VAL E 9 8.00 -29.24 -33.39
N ARG E 10 6.78 -29.61 -33.79
CA ARG E 10 6.20 -29.21 -35.06
C ARG E 10 4.83 -28.61 -34.81
N ALA E 11 4.55 -27.49 -35.47
CA ALA E 11 3.27 -26.82 -35.31
C ALA E 11 2.19 -27.56 -36.09
N ILE E 12 1.05 -27.81 -35.44
CA ILE E 12 -0.07 -28.51 -36.05
C ILE E 12 -1.21 -27.56 -36.40
N LEU E 13 -0.98 -26.24 -36.31
CA LEU E 13 -2.04 -25.27 -36.50
C LEU E 13 -1.47 -23.87 -36.65
N PRO E 14 -2.01 -23.03 -37.52
CA PRO E 14 -1.54 -21.65 -37.60
C PRO E 14 -1.98 -20.83 -36.41
N TYR E 15 -1.17 -19.83 -36.06
CA TYR E 15 -1.46 -18.95 -34.94
C TYR E 15 -0.83 -17.59 -35.19
N THR E 16 -1.56 -16.54 -34.82
CA THR E 16 -1.10 -15.17 -34.94
C THR E 16 -0.74 -14.63 -33.56
N LYS E 17 0.41 -13.96 -33.47
CA LYS E 17 0.89 -13.48 -32.18
C LYS E 17 -0.05 -12.43 -31.59
N VAL E 18 -0.23 -12.50 -30.27
CA VAL E 18 -0.90 -11.41 -29.56
C VAL E 18 0.02 -10.19 -29.58
N PRO E 19 -0.46 -9.03 -29.99
CA PRO E 19 0.43 -7.86 -30.15
C PRO E 19 1.08 -7.46 -28.84
N ASP E 20 2.33 -6.99 -28.95
CA ASP E 20 3.11 -6.48 -27.81
C ASP E 20 3.36 -7.56 -26.77
N THR E 21 3.66 -8.77 -27.23
CA THR E 21 4.05 -9.87 -26.36
C THR E 21 5.28 -10.56 -26.93
N ASP E 22 5.83 -11.49 -26.15
CA ASP E 22 7.02 -12.24 -26.55
C ASP E 22 6.68 -13.49 -27.34
N GLU E 23 5.44 -13.65 -27.79
CA GLU E 23 5.07 -14.80 -28.60
C GLU E 23 5.65 -14.68 -30.00
N ILE E 24 5.44 -15.73 -30.79
CA ILE E 24 5.84 -15.75 -32.19
C ILE E 24 4.71 -16.36 -32.99
N SER E 25 4.44 -15.78 -34.17
CA SER E 25 3.44 -16.34 -35.06
C SER E 25 4.03 -17.50 -35.84
N PHE E 26 3.17 -18.43 -36.25
CA PHE E 26 3.63 -19.59 -37.00
C PHE E 26 2.48 -20.16 -37.80
N LEU E 27 2.83 -20.97 -38.78
CA LEU E 27 1.88 -21.65 -39.65
C LEU E 27 1.89 -23.15 -39.34
N LYS E 28 0.89 -23.84 -39.88
CA LYS E 28 0.81 -25.29 -39.69
C LYS E 28 2.00 -25.97 -40.36
N GLY E 29 2.82 -26.64 -39.54
CA GLY E 29 4.01 -27.33 -40.02
C GLY E 29 5.32 -26.74 -39.57
N ASP E 30 5.31 -25.56 -38.93
CA ASP E 30 6.55 -24.93 -38.51
C ASP E 30 7.24 -25.78 -37.45
N MET E 31 8.52 -26.06 -37.67
CA MET E 31 9.34 -26.77 -36.69
C MET E 31 10.08 -25.79 -35.79
N PHE E 32 10.11 -26.11 -34.51
CA PHE E 32 10.82 -25.32 -33.51
C PHE E 32 11.85 -26.20 -32.80
N ILE E 33 12.93 -25.58 -32.35
CA ILE E 33 13.86 -26.21 -31.42
C ILE E 33 13.59 -25.58 -30.05
N VAL E 34 13.30 -26.42 -29.06
CA VAL E 34 12.91 -25.93 -27.75
C VAL E 34 14.16 -25.58 -26.95
N HIS E 35 14.29 -24.32 -26.56
CA HIS E 35 15.39 -23.89 -25.70
C HIS E 35 15.04 -24.02 -24.23
N ASN E 36 13.85 -23.59 -23.84
CA ASN E 36 13.44 -23.66 -22.44
C ASN E 36 11.99 -24.08 -22.34
N GLU E 37 11.67 -24.85 -21.30
CA GLU E 37 10.31 -25.29 -21.03
C GLU E 37 9.85 -24.64 -19.73
N LEU E 38 8.75 -23.88 -19.82
CA LEU E 38 8.25 -23.12 -18.69
C LEU E 38 7.04 -23.79 -18.07
N GLU E 39 6.47 -23.12 -17.06
CA GLU E 39 5.29 -23.61 -16.38
C GLU E 39 4.05 -23.44 -17.26
N ASP E 40 3.06 -24.29 -17.03
CA ASP E 40 1.78 -24.23 -17.73
C ASP E 40 1.95 -24.43 -19.23
N GLY E 41 2.83 -25.36 -19.61
CA GLY E 41 2.96 -25.75 -21.00
C GLY E 41 3.54 -24.70 -21.92
N TRP E 42 4.10 -23.63 -21.40
CA TRP E 42 4.73 -22.60 -22.22
C TRP E 42 6.18 -22.96 -22.48
N MET E 43 6.66 -22.65 -23.68
CA MET E 43 8.02 -22.99 -24.08
C MET E 43 8.65 -21.82 -24.82
N TRP E 44 9.87 -21.48 -24.44
CA TRP E 44 10.70 -20.54 -25.19
C TRP E 44 11.45 -21.33 -26.25
N VAL E 45 11.15 -21.02 -27.52
CA VAL E 45 11.65 -21.79 -28.66
C VAL E 45 12.09 -20.85 -29.77
N THR E 46 12.92 -21.37 -30.66
CA THR E 46 13.31 -20.70 -31.89
C THR E 46 12.60 -21.35 -33.06
N ASN E 47 11.84 -20.56 -33.82
CA ASN E 47 11.21 -21.06 -35.03
C ASN E 47 12.27 -21.27 -36.11
N LEU E 48 12.36 -22.50 -36.63
CA LEU E 48 13.39 -22.80 -37.61
C LEU E 48 13.12 -22.12 -38.95
N ARG E 49 11.86 -21.82 -39.26
CA ARG E 49 11.55 -21.18 -40.53
C ARG E 49 11.97 -19.71 -40.52
N THR E 50 11.60 -18.98 -39.47
CA THR E 50 11.84 -17.55 -39.39
C THR E 50 13.06 -17.17 -38.57
N ASP E 51 13.68 -18.13 -37.87
CA ASP E 51 14.84 -17.88 -37.03
C ASP E 51 14.57 -16.79 -36.00
N GLU E 52 13.39 -16.82 -35.40
CA GLU E 52 13.01 -15.88 -34.36
C GLU E 52 12.69 -16.66 -33.09
N GLN E 53 13.09 -16.10 -31.96
CA GLN E 53 12.87 -16.71 -30.65
C GLN E 53 11.65 -16.10 -29.98
N GLY E 54 10.90 -16.94 -29.29
CA GLY E 54 9.70 -16.46 -28.65
C GLY E 54 9.04 -17.52 -27.80
N LEU E 55 7.79 -17.25 -27.45
CA LEU E 55 7.02 -18.13 -26.58
C LEU E 55 5.92 -18.81 -27.39
N ILE E 56 5.75 -20.11 -27.15
CA ILE E 56 4.65 -20.88 -27.73
C ILE E 56 4.02 -21.71 -26.62
N VAL E 57 2.82 -22.22 -26.92
CA VAL E 57 2.08 -23.05 -25.97
C VAL E 57 2.16 -24.50 -26.43
N GLU E 58 2.18 -25.41 -25.46
CA GLU E 58 2.31 -26.84 -25.75
C GLU E 58 1.08 -27.40 -26.46
N ASP E 59 -0.08 -26.75 -26.34
CA ASP E 59 -1.31 -27.29 -26.91
C ASP E 59 -1.33 -27.27 -28.43
N LEU E 60 -0.45 -26.50 -29.06
CA LEU E 60 -0.46 -26.32 -30.51
C LEU E 60 0.71 -27.02 -31.20
N VAL E 61 1.51 -27.78 -30.46
CA VAL E 61 2.70 -28.41 -31.01
C VAL E 61 2.64 -29.91 -30.79
N GLU E 62 3.40 -30.63 -31.62
CA GLU E 62 3.49 -32.08 -31.57
C GLU E 62 4.96 -32.48 -31.61
N GLU E 63 5.32 -33.47 -30.80
CA GLU E 63 6.69 -33.94 -30.76
C GLU E 63 7.05 -34.63 -32.08
N VAL E 64 8.33 -34.59 -32.41
CA VAL E 64 8.82 -35.20 -33.64
C VAL E 64 9.86 -36.27 -33.33
N TYR F 15 3.38 18.40 -17.18
CA TYR F 15 2.21 17.56 -16.91
C TYR F 15 1.01 18.39 -16.47
N PHE F 16 -0.14 18.14 -17.11
CA PHE F 16 -1.33 18.94 -16.88
C PHE F 16 -2.11 18.42 -15.68
N GLN F 17 -2.97 19.29 -15.15
CA GLN F 17 -3.73 18.96 -13.95
C GLN F 17 -4.76 17.87 -14.25
N GLY F 18 -4.73 16.80 -13.45
CA GLY F 18 -5.67 15.72 -13.63
C GLY F 18 -5.28 14.70 -14.69
N SER F 19 -4.01 14.64 -15.07
CA SER F 19 -3.56 13.72 -16.10
C SER F 19 -3.17 12.39 -15.46
N VAL F 20 -3.58 11.29 -16.11
CA VAL F 20 -3.34 9.95 -15.61
C VAL F 20 -2.23 9.25 -16.38
N PHE F 21 -2.36 9.18 -17.70
CA PHE F 21 -1.43 8.42 -18.53
C PHE F 21 -0.16 9.22 -18.78
N GLY F 22 0.96 8.49 -18.86
CA GLY F 22 2.25 9.11 -19.10
C GLY F 22 2.80 9.90 -17.95
N VAL F 23 2.19 9.82 -16.78
CA VAL F 23 2.61 10.57 -15.59
C VAL F 23 3.33 9.60 -14.66
N PRO F 24 4.59 9.86 -14.30
CA PRO F 24 5.32 8.94 -13.43
C PRO F 24 4.70 8.87 -12.03
N LEU F 25 5.07 7.80 -11.32
CA LEU F 25 4.46 7.55 -10.02
C LEU F 25 4.84 8.61 -8.99
N THR F 26 6.03 9.21 -9.12
CA THR F 26 6.43 10.24 -8.16
C THR F 26 5.55 11.46 -8.26
N VAL F 27 5.16 11.85 -9.48
CA VAL F 27 4.27 12.99 -9.65
C VAL F 27 2.89 12.68 -9.06
N ASN F 28 2.42 11.44 -9.24
CA ASN F 28 1.14 11.05 -8.65
C ASN F 28 1.20 11.11 -7.12
N VAL F 29 2.33 10.70 -6.54
CA VAL F 29 2.49 10.76 -5.09
C VAL F 29 2.53 12.21 -4.63
N GLN F 30 3.28 13.06 -5.34
CA GLN F 30 3.40 14.47 -4.96
C GLN F 30 2.09 15.23 -5.15
N ARG F 31 1.20 14.75 -6.02
CA ARG F 31 -0.06 15.45 -6.26
C ARG F 31 -1.22 14.95 -5.40
N THR F 32 -1.28 13.65 -5.11
CA THR F 32 -2.42 13.12 -4.39
C THR F 32 -2.02 12.37 -3.12
N GLY F 33 -0.82 11.81 -3.10
CA GLY F 33 -0.36 11.00 -2.00
C GLY F 33 -0.38 9.51 -2.28
N GLN F 34 -0.99 9.09 -3.38
CA GLN F 34 -1.01 7.70 -3.82
C GLN F 34 -0.30 7.57 -5.16
N PRO F 35 0.46 6.50 -5.37
CA PRO F 35 1.16 6.36 -6.65
C PRO F 35 0.25 6.03 -7.82
N LEU F 36 -0.83 5.29 -7.58
CA LEU F 36 -1.77 4.99 -8.66
C LEU F 36 -2.90 6.02 -8.68
N PRO F 37 -3.26 6.54 -9.86
CA PRO F 37 -4.43 7.41 -9.94
C PRO F 37 -5.70 6.65 -9.59
N GLN F 38 -6.72 7.40 -9.18
CA GLN F 38 -8.00 6.78 -8.83
C GLN F 38 -8.64 6.10 -10.03
N SER F 39 -8.38 6.60 -11.24
CA SER F 39 -8.93 5.97 -12.44
C SER F 39 -8.43 4.54 -12.60
N ILE F 40 -7.11 4.34 -12.47
CA ILE F 40 -6.53 3.02 -12.67
C ILE F 40 -6.96 2.07 -11.55
N GLN F 41 -7.00 2.56 -10.32
CA GLN F 41 -7.45 1.72 -9.22
C GLN F 41 -8.92 1.34 -9.37
N GLN F 42 -9.76 2.28 -9.80
CA GLN F 42 -11.17 1.96 -10.05
C GLN F 42 -11.32 0.96 -11.19
N ALA F 43 -10.45 1.06 -12.20
CA ALA F 43 -10.45 0.07 -13.26
C ALA F 43 -10.11 -1.32 -12.72
N MET F 44 -9.09 -1.39 -11.85
CA MET F 44 -8.74 -2.68 -11.26
C MET F 44 -9.90 -3.24 -10.43
N ARG F 45 -10.60 -2.37 -9.68
CA ARG F 45 -11.74 -2.86 -8.91
C ARG F 45 -12.87 -3.32 -9.83
N TYR F 46 -13.10 -2.62 -10.93
CA TYR F 46 -14.13 -3.06 -11.87
C TYR F 46 -13.80 -4.43 -12.44
N LEU F 47 -12.53 -4.63 -12.82
CA LEU F 47 -12.12 -5.94 -13.32
C LEU F 47 -12.25 -7.02 -12.24
N ARG F 48 -11.95 -6.66 -10.99
CA ARG F 48 -12.02 -7.61 -9.90
C ARG F 48 -13.47 -7.97 -9.56
N ASN F 49 -14.40 -7.02 -9.76
CA ASN F 49 -15.78 -7.20 -9.32
C ASN F 49 -16.66 -7.83 -10.39
N HIS F 50 -16.51 -7.42 -11.66
CA HIS F 50 -17.47 -7.80 -12.69
C HIS F 50 -16.83 -8.52 -13.88
N CYS F 51 -15.55 -8.89 -13.78
CA CYS F 51 -14.85 -9.40 -14.95
C CYS F 51 -14.03 -10.66 -14.71
N LEU F 52 -13.97 -11.17 -13.48
CA LEU F 52 -13.09 -12.29 -13.18
C LEU F 52 -13.49 -13.58 -13.88
N ASP F 53 -14.70 -13.65 -14.44
CA ASP F 53 -15.17 -14.85 -15.13
C ASP F 53 -15.07 -14.73 -16.65
N GLN F 54 -14.60 -13.60 -17.16
CA GLN F 54 -14.48 -13.42 -18.60
C GLN F 54 -13.34 -14.29 -19.13
N VAL F 55 -13.65 -15.13 -20.12
CA VAL F 55 -12.65 -16.03 -20.68
C VAL F 55 -11.61 -15.22 -21.44
N GLY F 56 -10.34 -15.52 -21.18
CA GLY F 56 -9.26 -14.89 -21.91
C GLY F 56 -9.02 -13.44 -21.57
N LEU F 57 -9.24 -13.05 -20.31
CA LEU F 57 -8.99 -11.67 -19.90
C LEU F 57 -7.51 -11.35 -20.03
N PHE F 58 -7.21 -10.12 -20.45
CA PHE F 58 -5.87 -9.60 -20.71
C PHE F 58 -5.23 -10.25 -21.93
N ARG F 59 -5.88 -11.25 -22.54
CA ARG F 59 -5.43 -11.83 -23.80
C ARG F 59 -6.29 -11.39 -24.97
N LYS F 60 -7.60 -11.62 -24.90
CA LYS F 60 -8.49 -11.15 -25.95
C LYS F 60 -8.44 -9.63 -26.04
N SER F 61 -8.09 -9.14 -27.23
CA SER F 61 -7.87 -7.71 -27.40
C SER F 61 -9.17 -6.93 -27.30
N GLY F 62 -9.08 -5.72 -26.77
CA GLY F 62 -10.20 -4.80 -26.74
C GLY F 62 -10.41 -4.17 -28.10
N VAL F 63 -10.98 -2.96 -28.09
CA VAL F 63 -11.27 -2.23 -29.30
C VAL F 63 -10.63 -0.85 -29.19
N LYS F 64 -9.90 -0.44 -30.24
CA LYS F 64 -9.11 0.78 -30.16
C LYS F 64 -9.98 1.99 -29.80
N SER F 65 -11.18 2.08 -30.40
CA SER F 65 -12.06 3.21 -30.11
C SER F 65 -12.49 3.21 -28.65
N ARG F 66 -12.85 2.04 -28.11
CA ARG F 66 -13.31 1.98 -26.73
C ARG F 66 -12.17 2.23 -25.75
N ILE F 67 -10.96 1.75 -26.06
CA ILE F 67 -9.82 2.01 -25.19
C ILE F 67 -9.46 3.50 -25.22
N GLN F 68 -9.54 4.12 -26.39
CA GLN F 68 -9.30 5.56 -26.46
C GLN F 68 -10.38 6.34 -25.72
N ALA F 69 -11.62 5.86 -25.75
CA ALA F 69 -12.68 6.50 -24.98
C ALA F 69 -12.44 6.37 -23.49
N LEU F 70 -11.93 5.22 -23.05
CA LEU F 70 -11.59 5.04 -21.64
C LEU F 70 -10.46 5.99 -21.23
N ARG F 71 -9.46 6.17 -22.12
CA ARG F 71 -8.41 7.14 -21.83
C ARG F 71 -8.96 8.55 -21.78
N GLN F 72 -9.84 8.90 -22.72
CA GLN F 72 -10.56 10.16 -22.70
C GLN F 72 -11.24 10.39 -21.36
N MET F 73 -11.92 9.36 -20.87
CA MET F 73 -12.61 9.45 -19.58
C MET F 73 -11.62 9.67 -18.45
N ASN F 74 -10.51 8.92 -18.45
CA ASN F 74 -9.53 9.03 -17.38
C ASN F 74 -8.89 10.41 -17.34
N GLU F 75 -8.34 10.86 -18.46
CA GLU F 75 -7.54 12.07 -18.49
C GLU F 75 -8.43 13.31 -18.43
N GLY F 76 -8.14 14.19 -17.48
CA GLY F 76 -8.85 15.44 -17.34
C GLY F 76 -10.08 15.40 -16.46
N ALA F 77 -10.57 14.21 -16.12
CA ALA F 77 -11.76 14.08 -15.31
C ALA F 77 -11.42 14.41 -13.85
N ILE F 78 -12.07 15.44 -13.32
CA ILE F 78 -11.89 15.77 -11.91
C ILE F 78 -12.78 14.91 -11.02
N ASP F 79 -13.88 14.41 -11.56
CA ASP F 79 -14.82 13.59 -10.80
C ASP F 79 -14.33 12.15 -10.74
N CYS F 80 -15.15 11.29 -10.14
CA CYS F 80 -14.84 9.87 -10.06
C CYS F 80 -15.13 9.20 -11.39
N VAL F 81 -14.19 8.35 -11.83
CA VAL F 81 -14.32 7.65 -13.11
C VAL F 81 -15.09 6.36 -12.87
N ASN F 82 -16.29 6.28 -13.45
CA ASN F 82 -17.13 5.10 -13.34
C ASN F 82 -16.90 4.17 -14.52
N TYR F 83 -16.73 2.88 -14.25
CA TYR F 83 -16.47 1.89 -15.28
C TYR F 83 -17.63 0.94 -15.55
N GLU F 84 -18.78 1.13 -14.90
CA GLU F 84 -19.89 0.22 -15.12
C GLU F 84 -20.40 0.34 -16.55
N GLY F 85 -20.77 -0.81 -17.14
CA GLY F 85 -21.19 -0.83 -18.52
C GLY F 85 -20.08 -0.81 -19.54
N GLN F 86 -18.89 -1.28 -19.18
CA GLN F 86 -17.74 -1.31 -20.07
C GLN F 86 -17.27 -2.74 -20.29
N SER F 87 -16.78 -3.01 -21.51
CA SER F 87 -16.25 -4.32 -21.83
C SER F 87 -15.03 -4.62 -20.97
N ALA F 88 -14.94 -5.85 -20.48
CA ALA F 88 -13.81 -6.25 -19.64
C ALA F 88 -12.49 -6.17 -20.39
N TYR F 89 -12.49 -6.59 -21.65
CA TYR F 89 -11.25 -6.59 -22.43
C TYR F 89 -10.76 -5.18 -22.71
N ASP F 90 -11.68 -4.23 -22.91
CA ASP F 90 -11.28 -2.84 -23.05
C ASP F 90 -10.55 -2.34 -21.81
N VAL F 91 -11.09 -2.65 -20.63
CA VAL F 91 -10.47 -2.19 -19.39
C VAL F 91 -9.12 -2.88 -19.16
N ALA F 92 -9.04 -4.17 -19.47
CA ALA F 92 -7.78 -4.89 -19.30
C ALA F 92 -6.70 -4.32 -20.22
N ASP F 93 -7.06 -4.07 -21.49
CA ASP F 93 -6.11 -3.46 -22.41
C ASP F 93 -5.77 -2.05 -21.99
N MET F 94 -6.69 -1.33 -21.34
CA MET F 94 -6.37 0.00 -20.84
C MET F 94 -5.34 -0.08 -19.72
N LEU F 95 -5.47 -1.05 -18.81
CA LEU F 95 -4.46 -1.22 -17.77
C LEU F 95 -3.11 -1.54 -18.40
N LYS F 96 -3.08 -2.44 -19.38
CA LYS F 96 -1.82 -2.77 -20.04
C LYS F 96 -1.23 -1.53 -20.71
N GLN F 97 -2.06 -0.69 -21.31
CA GLN F 97 -1.57 0.52 -21.97
C GLN F 97 -1.08 1.54 -20.96
N TYR F 98 -1.72 1.64 -19.79
CA TYR F 98 -1.26 2.57 -18.77
C TYR F 98 0.11 2.14 -18.25
N PHE F 99 0.27 0.86 -17.95
CA PHE F 99 1.58 0.38 -17.51
C PHE F 99 2.61 0.45 -18.63
N ARG F 100 2.17 0.44 -19.88
CA ARG F 100 3.07 0.62 -21.01
C ARG F 100 3.45 2.08 -21.22
N ASP F 101 2.49 3.00 -21.04
CA ASP F 101 2.71 4.41 -21.35
C ASP F 101 3.39 5.18 -20.23
N LEU F 102 3.87 4.51 -19.19
CA LEU F 102 4.65 5.19 -18.18
C LEU F 102 6.02 5.58 -18.74
N PRO F 103 6.58 6.71 -18.30
CA PRO F 103 7.90 7.10 -18.84
C PRO F 103 8.98 6.06 -18.61
N GLU F 104 9.05 5.49 -17.41
CA GLU F 104 9.86 4.33 -17.13
C GLU F 104 8.96 3.16 -16.72
N PRO F 105 9.39 1.92 -16.94
CA PRO F 105 8.56 0.78 -16.57
C PRO F 105 8.38 0.70 -15.06
N LEU F 106 7.22 0.15 -14.65
CA LEU F 106 6.96 -0.08 -13.23
C LEU F 106 8.10 -0.85 -12.58
N MET F 107 8.52 -1.93 -13.23
CA MET F 107 9.71 -2.67 -12.81
C MET F 107 10.88 -2.14 -13.63
N THR F 108 11.84 -1.51 -12.94
CA THR F 108 12.89 -0.73 -13.61
C THR F 108 13.64 -1.56 -14.65
N ASN F 109 14.31 -0.87 -15.58
CA ASN F 109 15.02 -1.54 -16.66
C ASN F 109 16.07 -2.52 -16.13
N LYS F 110 16.61 -2.26 -14.94
CA LYS F 110 17.59 -3.14 -14.34
C LYS F 110 16.98 -4.42 -13.76
N LEU F 111 15.67 -4.42 -13.48
CA LEU F 111 15.07 -5.57 -12.82
C LEU F 111 14.95 -6.77 -13.77
N SER F 112 14.79 -6.51 -15.07
CA SER F 112 14.80 -7.61 -16.03
C SER F 112 16.16 -8.30 -16.04
N GLU F 113 17.24 -7.52 -16.06
CA GLU F 113 18.58 -8.08 -15.98
C GLU F 113 18.80 -8.82 -14.67
N THR F 114 18.27 -8.27 -13.58
CA THR F 114 18.39 -8.93 -12.28
C THR F 114 17.68 -10.28 -12.30
N PHE F 115 16.50 -10.34 -12.92
CA PHE F 115 15.79 -11.61 -13.04
C PHE F 115 16.56 -12.60 -13.89
N LEU F 116 17.22 -12.11 -14.94
CA LEU F 116 18.07 -12.99 -15.75
C LEU F 116 19.20 -13.56 -14.90
N GLN F 117 19.86 -12.72 -14.11
CA GLN F 117 20.94 -13.20 -13.25
C GLN F 117 20.41 -14.21 -12.24
N ILE F 118 19.21 -13.97 -11.70
CA ILE F 118 18.63 -14.90 -10.72
C ILE F 118 18.38 -16.26 -11.36
N TYR F 119 17.72 -16.26 -12.53
CA TYR F 119 17.41 -17.53 -13.19
C TYR F 119 18.63 -18.20 -13.78
N GLN F 120 19.76 -17.49 -13.93
CA GLN F 120 20.96 -18.12 -14.43
C GLN F 120 21.84 -18.71 -13.33
N TYR F 121 22.10 -17.96 -12.26
CA TYR F 121 23.09 -18.37 -11.27
C TYR F 121 22.54 -18.82 -9.93
N VAL F 122 21.31 -18.45 -9.59
CA VAL F 122 20.73 -18.84 -8.31
C VAL F 122 19.99 -20.16 -8.47
N PRO F 123 20.24 -21.16 -7.62
CA PRO F 123 19.51 -22.42 -7.75
C PRO F 123 18.02 -22.24 -7.55
N LYS F 124 17.25 -23.22 -8.04
CA LYS F 124 15.81 -23.09 -8.10
C LYS F 124 15.17 -22.97 -6.73
N ASP F 125 15.75 -23.63 -5.72
CA ASP F 125 15.15 -23.60 -4.39
C ASP F 125 15.30 -22.24 -3.70
N GLN F 126 16.17 -21.36 -4.20
CA GLN F 126 16.36 -20.04 -3.62
C GLN F 126 15.97 -18.92 -4.57
N ARG F 127 15.33 -19.23 -5.70
CA ARG F 127 15.00 -18.19 -6.67
C ARG F 127 13.96 -17.23 -6.11
N LEU F 128 13.00 -17.74 -5.34
CA LEU F 128 11.96 -16.86 -4.80
C LEU F 128 12.54 -15.86 -3.81
N GLN F 129 13.50 -16.30 -2.99
CA GLN F 129 14.12 -15.38 -2.04
C GLN F 129 14.91 -14.29 -2.75
N ALA F 130 15.65 -14.66 -3.80
CA ALA F 130 16.39 -13.67 -4.58
C ALA F 130 15.44 -12.69 -5.25
N ILE F 131 14.30 -13.18 -5.74
CA ILE F 131 13.31 -12.30 -6.36
C ILE F 131 12.74 -11.33 -5.32
N LYS F 132 12.46 -11.83 -4.11
CA LYS F 132 11.95 -10.96 -3.06
C LYS F 132 12.97 -9.90 -2.69
N ALA F 133 14.25 -10.27 -2.62
CA ALA F 133 15.30 -9.28 -2.35
C ALA F 133 15.35 -8.23 -3.45
N ALA F 134 15.29 -8.67 -4.71
CA ALA F 134 15.30 -7.74 -5.83
C ALA F 134 14.12 -6.77 -5.75
N ILE F 135 12.94 -7.28 -5.39
CA ILE F 135 11.78 -6.40 -5.25
C ILE F 135 11.99 -5.42 -4.10
N MET F 136 12.62 -5.87 -3.02
CA MET F 136 12.95 -4.99 -1.91
C MET F 136 13.97 -3.93 -2.30
N LEU F 137 14.74 -4.17 -3.37
CA LEU F 137 15.65 -3.15 -3.88
C LEU F 137 14.95 -2.09 -4.73
N LEU F 138 13.64 -2.19 -4.94
CA LEU F 138 12.90 -1.22 -5.74
C LEU F 138 12.49 -0.02 -4.90
N PRO F 139 12.14 1.10 -5.54
CA PRO F 139 11.64 2.25 -4.80
C PRO F 139 10.34 1.92 -4.06
N ASP F 140 10.00 2.78 -3.10
CA ASP F 140 8.82 2.54 -2.28
C ASP F 140 7.54 2.60 -3.11
N GLU F 141 7.43 3.58 -4.00
CA GLU F 141 6.24 3.70 -4.82
C GLU F 141 6.07 2.50 -5.74
N ASN F 142 7.16 2.08 -6.39
CA ASN F 142 7.10 0.90 -7.24
C ASN F 142 6.75 -0.34 -6.43
N ARG F 143 7.26 -0.44 -5.20
CA ARG F 143 6.94 -1.60 -4.38
C ARG F 143 5.47 -1.63 -4.00
N GLU F 144 4.90 -0.46 -3.66
CA GLU F 144 3.48 -0.39 -3.34
C GLU F 144 2.62 -0.75 -4.55
N VAL F 145 2.93 -0.16 -5.71
CA VAL F 145 2.17 -0.45 -6.91
C VAL F 145 2.29 -1.93 -7.28
N LEU F 146 3.48 -2.50 -7.08
CA LEU F 146 3.68 -3.90 -7.41
C LEU F 146 2.91 -4.81 -6.45
N GLN F 147 2.85 -4.45 -5.17
CA GLN F 147 2.08 -5.24 -4.23
C GLN F 147 0.59 -5.23 -4.61
N THR F 148 0.08 -4.03 -4.93
CA THR F 148 -1.32 -3.93 -5.36
C THR F 148 -1.56 -4.75 -6.63
N LEU F 149 -0.66 -4.64 -7.61
CA LEU F 149 -0.86 -5.32 -8.88
C LEU F 149 -0.73 -6.83 -8.73
N LEU F 150 0.19 -7.30 -7.88
CA LEU F 150 0.32 -8.72 -7.63
C LEU F 150 -0.92 -9.28 -6.93
N TYR F 151 -1.46 -8.54 -5.96
CA TYR F 151 -2.71 -8.96 -5.35
C TYR F 151 -3.83 -9.04 -6.38
N PHE F 152 -3.91 -8.05 -7.27
CA PHE F 152 -4.95 -8.05 -8.29
C PHE F 152 -4.78 -9.23 -9.24
N LEU F 153 -3.55 -9.50 -9.68
CA LEU F 153 -3.33 -10.60 -10.61
C LEU F 153 -3.53 -11.96 -9.95
N SER F 154 -3.24 -12.07 -8.65
CA SER F 154 -3.56 -13.30 -7.94
C SER F 154 -5.06 -13.50 -7.85
N ASP F 155 -5.81 -12.43 -7.58
CA ASP F 155 -7.26 -12.52 -7.58
C ASP F 155 -7.79 -12.92 -8.96
N VAL F 156 -7.14 -12.42 -10.01
CA VAL F 156 -7.56 -12.76 -11.38
C VAL F 156 -7.31 -14.24 -11.65
N THR F 157 -6.08 -14.71 -11.40
CA THR F 157 -5.75 -16.11 -11.67
C THR F 157 -6.45 -17.07 -10.71
N ALA F 158 -7.02 -16.57 -9.61
CA ALA F 158 -7.82 -17.44 -8.75
C ALA F 158 -9.07 -17.96 -9.44
N ALA F 159 -9.52 -17.30 -10.50
CA ALA F 159 -10.69 -17.74 -11.27
C ALA F 159 -10.29 -18.46 -12.55
N VAL F 160 -9.21 -19.24 -12.50
CA VAL F 160 -8.69 -19.89 -13.71
C VAL F 160 -9.68 -20.91 -14.25
N LYS F 161 -10.52 -21.48 -13.39
CA LYS F 161 -11.54 -22.41 -13.86
C LYS F 161 -12.57 -21.74 -14.75
N GLU F 162 -12.71 -20.41 -14.66
CA GLU F 162 -13.66 -19.66 -15.47
C GLU F 162 -12.99 -18.89 -16.60
N ASN F 163 -11.83 -18.27 -16.35
CA ASN F 163 -11.17 -17.43 -17.35
C ASN F 163 -10.01 -18.11 -18.06
N GLN F 164 -9.59 -19.29 -17.62
CA GLN F 164 -8.52 -20.06 -18.27
C GLN F 164 -7.19 -19.30 -18.28
N MET F 165 -6.98 -18.39 -17.32
CA MET F 165 -5.77 -17.56 -17.28
C MET F 165 -4.83 -18.13 -16.22
N THR F 166 -3.88 -18.96 -16.64
CA THR F 166 -2.85 -19.45 -15.75
C THR F 166 -1.85 -18.35 -15.41
N PRO F 167 -1.11 -18.48 -14.31
CA PRO F 167 -0.11 -17.46 -13.97
C PRO F 167 0.89 -17.20 -15.08
N THR F 168 1.37 -18.23 -15.77
CA THR F 168 2.30 -18.03 -16.87
C THR F 168 1.64 -17.29 -18.03
N ASN F 169 0.36 -17.55 -18.27
CA ASN F 169 -0.36 -16.82 -19.33
C ASN F 169 -0.46 -15.34 -18.98
N LEU F 170 -0.81 -15.02 -17.74
CA LEU F 170 -0.82 -13.63 -17.29
C LEU F 170 0.56 -13.00 -17.42
N ALA F 171 1.61 -13.77 -17.11
CA ALA F 171 2.96 -13.25 -17.25
C ALA F 171 3.27 -12.92 -18.71
N VAL F 172 2.94 -13.84 -19.61
CA VAL F 172 3.17 -13.59 -21.04
C VAL F 172 2.41 -12.34 -21.50
N CYS F 173 1.19 -12.15 -20.99
CA CYS F 173 0.39 -11.02 -21.43
C CYS F 173 0.85 -9.69 -20.83
N LEU F 174 1.43 -9.70 -19.62
CA LEU F 174 1.66 -8.46 -18.89
C LEU F 174 3.12 -8.06 -18.78
N ALA F 175 4.07 -9.00 -18.90
CA ALA F 175 5.47 -8.65 -18.74
C ALA F 175 5.96 -7.58 -19.71
N PRO F 176 5.59 -7.58 -21.00
CA PRO F 176 6.00 -6.46 -21.85
C PRO F 176 5.55 -5.11 -21.33
N SER F 177 4.35 -5.03 -20.76
CA SER F 177 3.86 -3.75 -20.24
C SER F 177 4.55 -3.37 -18.93
N LEU F 178 4.87 -4.35 -18.10
CA LEU F 178 5.43 -4.06 -16.78
C LEU F 178 6.93 -3.81 -16.83
N PHE F 179 7.64 -4.46 -17.74
CA PHE F 179 9.09 -4.31 -17.86
C PHE F 179 9.52 -3.39 -18.99
N HIS F 180 8.61 -3.07 -19.92
CA HIS F 180 8.95 -2.36 -21.16
C HIS F 180 9.98 -3.15 -21.96
N LEU F 181 9.57 -4.36 -22.35
CA LEU F 181 10.44 -5.28 -23.07
C LEU F 181 10.35 -5.03 -24.58
N ASN F 182 11.25 -5.65 -25.32
CA ASN F 182 11.29 -5.56 -26.76
C ASN F 182 10.58 -6.75 -27.40
N THR F 183 10.16 -6.56 -28.66
CA THR F 183 9.43 -7.59 -29.38
C THR F 183 9.92 -7.61 -30.82
N LEU F 184 10.02 -8.82 -31.38
CA LEU F 184 10.49 -9.01 -32.74
C LEU F 184 9.46 -8.55 -33.77
N PRO F 203 16.77 -6.48 -31.50
CA PRO F 203 16.83 -7.29 -30.29
C PRO F 203 18.00 -8.27 -30.30
N ASP F 204 18.82 -8.25 -29.25
CA ASP F 204 19.96 -9.13 -29.15
C ASP F 204 19.54 -10.47 -28.53
N GLN F 205 20.49 -11.41 -28.46
CA GLN F 205 20.19 -12.68 -27.80
C GLN F 205 20.11 -12.49 -26.29
N LYS F 206 20.98 -11.65 -25.74
CA LYS F 206 20.93 -11.34 -24.33
C LYS F 206 19.61 -10.67 -23.97
N ASP F 207 19.10 -9.81 -24.85
CA ASP F 207 17.83 -9.15 -24.59
C ASP F 207 16.66 -10.13 -24.65
N LEU F 208 16.72 -11.10 -25.56
CA LEU F 208 15.67 -12.12 -25.61
C LEU F 208 15.70 -13.00 -24.37
N ASN F 209 16.89 -13.38 -23.91
CA ASN F 209 17.00 -14.11 -22.65
C ASN F 209 16.47 -13.28 -21.49
N GLU F 210 16.75 -11.98 -21.51
CA GLU F 210 16.21 -11.08 -20.48
C GLU F 210 14.68 -11.08 -20.50
N ASN F 211 14.09 -11.03 -21.70
CA ASN F 211 12.64 -11.09 -21.82
C ASN F 211 12.09 -12.40 -21.24
N LEU F 212 12.71 -13.52 -21.61
CA LEU F 212 12.26 -14.81 -21.11
C LEU F 212 12.35 -14.88 -19.59
N ALA F 213 13.45 -14.39 -19.02
CA ALA F 213 13.62 -14.44 -17.57
C ALA F 213 12.61 -13.53 -16.88
N ALA F 214 12.30 -12.37 -17.49
CA ALA F 214 11.29 -11.49 -16.91
C ALA F 214 9.91 -12.14 -16.91
N THR F 215 9.56 -12.81 -18.01
CA THR F 215 8.28 -13.54 -18.04
C THR F 215 8.25 -14.64 -17.00
N GLN F 216 9.34 -15.40 -16.88
CA GLN F 216 9.39 -16.47 -15.88
C GLN F 216 9.25 -15.91 -14.47
N GLY F 217 9.95 -14.81 -14.17
CA GLY F 217 9.86 -14.22 -12.85
C GLY F 217 8.48 -13.68 -12.54
N LEU F 218 7.83 -13.05 -13.54
CA LEU F 218 6.47 -12.57 -13.33
C LEU F 218 5.52 -13.72 -13.05
N ALA F 219 5.65 -14.81 -13.80
CA ALA F 219 4.81 -15.99 -13.55
C ALA F 219 5.06 -16.55 -12.16
N HIS F 220 6.33 -16.60 -11.74
CA HIS F 220 6.65 -17.11 -10.42
C HIS F 220 6.06 -16.23 -9.32
N MET F 221 6.16 -14.90 -9.48
CA MET F 221 5.62 -14.00 -8.45
C MET F 221 4.10 -14.09 -8.39
N ILE F 222 3.44 -14.20 -9.54
CA ILE F 222 1.99 -14.28 -9.55
C ILE F 222 1.53 -15.61 -8.95
N ALA F 223 2.25 -16.70 -9.25
CA ALA F 223 1.81 -18.02 -8.83
C ALA F 223 1.76 -18.16 -7.32
N GLU F 224 2.76 -17.62 -6.61
CA GLU F 224 2.82 -17.73 -5.16
C GLU F 224 2.69 -16.34 -4.53
N CYS F 225 1.53 -16.04 -3.97
CA CYS F 225 1.27 -14.75 -3.36
C CYS F 225 0.62 -14.93 -1.99
N ARG G 6 24.43 20.85 3.49
CA ARG G 6 24.83 22.18 3.05
C ARG G 6 26.12 22.63 3.74
N ARG G 7 26.94 21.67 4.13
CA ARG G 7 28.21 22.00 4.75
C ARG G 7 29.25 22.28 3.70
N ARG G 8 30.03 23.34 3.92
CA ARG G 8 31.11 23.73 3.04
C ARG G 8 32.44 23.59 3.77
N VAL G 9 33.48 23.24 3.01
CA VAL G 9 34.83 23.10 3.53
C VAL G 9 35.77 23.86 2.61
N ARG G 10 36.97 24.14 3.11
CA ARG G 10 37.97 24.89 2.38
C ARG G 10 39.28 24.12 2.38
N ALA G 11 39.93 24.03 1.23
CA ALA G 11 41.21 23.35 1.13
C ALA G 11 42.31 24.23 1.69
N ILE G 12 43.14 23.67 2.56
CA ILE G 12 44.26 24.38 3.16
C ILE G 12 45.58 23.94 2.55
N LEU G 13 45.54 23.21 1.43
CA LEU G 13 46.73 22.60 0.87
C LEU G 13 46.45 22.12 -0.56
N PRO G 14 47.40 22.28 -1.48
CA PRO G 14 47.21 21.72 -2.82
C PRO G 14 47.34 20.21 -2.80
N TYR G 15 46.62 19.56 -3.72
CA TYR G 15 46.66 18.12 -3.83
C TYR G 15 46.42 17.72 -5.28
N THR G 16 47.14 16.70 -5.72
CA THR G 16 47.02 16.16 -7.07
C THR G 16 46.31 14.82 -7.01
N LYS G 17 45.34 14.61 -7.91
CA LYS G 17 44.56 13.39 -7.92
C LYS G 17 45.44 12.18 -8.22
N VAL G 18 45.19 11.09 -7.50
CA VAL G 18 45.78 9.81 -7.88
C VAL G 18 45.16 9.36 -9.21
N PRO G 19 45.95 9.01 -10.21
CA PRO G 19 45.37 8.71 -11.53
C PRO G 19 44.42 7.53 -11.48
N ASP G 20 43.37 7.61 -12.30
CA ASP G 20 42.38 6.54 -12.46
C ASP G 20 41.65 6.26 -11.16
N THR G 21 41.32 7.31 -10.40
CA THR G 21 40.52 7.21 -9.20
C THR G 21 39.44 8.30 -9.21
N ASP G 22 38.55 8.24 -8.23
CA ASP G 22 37.46 9.19 -8.12
C ASP G 22 37.84 10.44 -7.33
N GLU G 23 39.13 10.64 -7.06
CA GLU G 23 39.56 11.84 -6.36
C GLU G 23 39.47 13.05 -7.28
N ILE G 24 39.73 14.23 -6.71
CA ILE G 24 39.77 15.47 -7.47
C ILE G 24 40.96 16.29 -7.00
N SER G 25 41.67 16.91 -7.93
CA SER G 25 42.77 17.78 -7.58
C SER G 25 42.24 19.16 -7.17
N PHE G 26 43.00 19.84 -6.33
CA PHE G 26 42.60 21.16 -5.87
C PHE G 26 43.82 21.93 -5.38
N LEU G 27 43.65 23.24 -5.24
CA LEU G 27 44.68 24.14 -4.75
C LEU G 27 44.31 24.61 -3.36
N LYS G 28 45.28 25.24 -2.69
CA LYS G 28 45.06 25.78 -1.35
C LYS G 28 44.03 26.91 -1.43
N GLY G 29 42.90 26.72 -0.77
CA GLY G 29 41.81 27.68 -0.76
C GLY G 29 40.55 27.23 -1.45
N ASP G 30 40.57 26.09 -2.14
CA ASP G 30 39.39 25.62 -2.86
C ASP G 30 38.25 25.32 -1.89
N MET G 31 37.08 25.88 -2.19
CA MET G 31 35.88 25.58 -1.41
C MET G 31 35.13 24.42 -2.04
N PHE G 32 34.67 23.50 -1.20
CA PHE G 32 33.88 22.36 -1.61
C PHE G 32 32.56 22.37 -0.85
N ILE G 33 31.54 21.83 -1.50
CA ILE G 33 30.27 21.51 -0.84
C ILE G 33 30.21 20.01 -0.65
N VAL G 34 30.01 19.58 0.59
CA VAL G 34 30.03 18.16 0.92
C VAL G 34 28.66 17.56 0.64
N HIS G 35 28.60 16.59 -0.27
CA HIS G 35 27.35 15.88 -0.54
C HIS G 35 27.19 14.66 0.35
N ASN G 36 28.27 13.88 0.52
CA ASN G 36 28.22 12.65 1.30
C ASN G 36 29.48 12.52 2.14
N GLU G 37 29.32 11.92 3.32
CA GLU G 37 30.40 11.66 4.25
C GLU G 37 30.59 10.15 4.36
N LEU G 38 31.81 9.68 4.06
CA LEU G 38 32.09 8.25 4.03
C LEU G 38 32.90 7.84 5.25
N GLU G 39 33.24 6.56 5.28
CA GLU G 39 34.04 6.00 6.37
C GLU G 39 35.49 6.42 6.22
N ASP G 40 36.20 6.47 7.35
CA ASP G 40 37.63 6.79 7.40
C ASP G 40 37.92 8.18 6.84
N GLY G 41 37.06 9.13 7.17
CA GLY G 41 37.29 10.54 6.85
C GLY G 41 37.22 10.92 5.40
N TRP G 42 36.71 10.05 4.53
CA TRP G 42 36.56 10.38 3.12
C TRP G 42 35.22 11.07 2.88
N MET G 43 35.21 12.03 1.97
CA MET G 43 34.00 12.81 1.68
C MET G 43 33.84 12.97 0.18
N TRP G 44 32.62 12.73 -0.30
CA TRP G 44 32.26 13.07 -1.68
C TRP G 44 31.82 14.53 -1.69
N VAL G 45 32.52 15.35 -2.48
CA VAL G 45 32.29 16.78 -2.50
C VAL G 45 32.30 17.29 -3.93
N THR G 46 31.67 18.45 -4.12
CA THR G 46 31.74 19.19 -5.37
C THR G 46 32.64 20.40 -5.14
N ASN G 47 33.71 20.50 -5.93
CA ASN G 47 34.60 21.65 -5.87
C ASN G 47 33.90 22.85 -6.50
N LEU G 48 33.81 23.95 -5.73
CA LEU G 48 33.12 25.13 -6.24
C LEU G 48 33.94 25.83 -7.33
N ARG G 49 35.26 25.66 -7.33
CA ARG G 49 36.09 26.32 -8.32
C ARG G 49 35.94 25.66 -9.69
N THR G 50 36.05 24.33 -9.74
CA THR G 50 36.05 23.59 -11.00
C THR G 50 34.70 22.95 -11.31
N ASP G 51 33.75 22.98 -10.37
CA ASP G 51 32.43 22.37 -10.56
C ASP G 51 32.53 20.89 -10.94
N GLU G 52 33.44 20.18 -10.28
CA GLU G 52 33.62 18.75 -10.47
C GLU G 52 33.39 18.03 -9.15
N GLN G 53 32.76 16.86 -9.23
CA GLN G 53 32.48 16.06 -8.06
C GLN G 53 33.53 14.96 -7.93
N GLY G 54 33.89 14.66 -6.68
CA GLY G 54 34.89 13.64 -6.45
C GLY G 54 35.07 13.35 -4.98
N LEU G 55 36.17 12.68 -4.67
CA LEU G 55 36.50 12.26 -3.32
C LEU G 55 37.66 13.06 -2.77
N ILE G 56 37.54 13.48 -1.50
CA ILE G 56 38.63 14.14 -0.79
C ILE G 56 38.74 13.53 0.60
N VAL G 57 39.85 13.80 1.25
CA VAL G 57 40.11 13.31 2.59
C VAL G 57 39.92 14.46 3.58
N GLU G 58 39.44 14.11 4.77
CA GLU G 58 39.18 15.12 5.80
C GLU G 58 40.46 15.77 6.32
N ASP G 59 41.61 15.09 6.17
CA ASP G 59 42.86 15.59 6.74
C ASP G 59 43.37 16.85 6.04
N LEU G 60 42.89 17.16 4.84
CA LEU G 60 43.41 18.27 4.07
C LEU G 60 42.43 19.44 3.97
N VAL G 61 41.31 19.39 4.68
CA VAL G 61 40.28 20.42 4.58
C VAL G 61 40.00 21.00 5.96
N GLU G 62 39.41 22.20 5.95
CA GLU G 62 39.03 22.92 7.16
C GLU G 62 37.59 23.38 7.02
N GLU G 63 36.81 23.24 8.07
CA GLU G 63 35.40 23.62 8.00
C GLU G 63 35.25 25.14 7.90
N VAL G 64 34.16 25.56 7.27
CA VAL G 64 33.86 26.98 7.09
C VAL G 64 32.52 27.30 7.73
N TYR H 15 42.35 -15.10 -28.87
CA TYR H 15 43.25 -15.12 -27.71
C TYR H 15 44.46 -16.00 -27.99
N PHE H 16 45.65 -15.45 -27.72
CA PHE H 16 46.89 -16.09 -28.08
C PHE H 16 47.33 -17.07 -27.00
N GLN H 17 48.21 -17.99 -27.37
CA GLN H 17 48.65 -19.06 -26.49
C GLN H 17 49.46 -18.48 -25.33
N GLY H 18 49.04 -18.77 -24.10
CA GLY H 18 49.77 -18.31 -22.95
C GLY H 18 49.49 -16.88 -22.54
N SER H 19 48.37 -16.31 -22.98
CA SER H 19 48.06 -14.91 -22.69
C SER H 19 47.29 -14.80 -21.38
N VAL H 20 47.67 -13.81 -20.58
CA VAL H 20 47.06 -13.56 -19.27
C VAL H 20 46.15 -12.36 -19.30
N PHE H 21 46.65 -11.22 -19.77
CA PHE H 21 45.90 -9.97 -19.74
C PHE H 21 44.87 -9.93 -20.87
N GLY H 22 43.74 -9.30 -20.58
CA GLY H 22 42.67 -9.21 -21.56
C GLY H 22 41.95 -10.50 -21.83
N VAL H 23 42.21 -11.54 -21.04
CA VAL H 23 41.60 -12.85 -21.22
C VAL H 23 40.52 -13.01 -20.16
N PRO H 24 39.26 -13.25 -20.53
CA PRO H 24 38.21 -13.40 -19.52
C PRO H 24 38.44 -14.63 -18.65
N LEU H 25 37.76 -14.64 -17.51
CA LEU H 25 37.97 -15.69 -16.52
C LEU H 25 37.49 -17.05 -17.04
N THR H 26 36.48 -17.06 -17.91
CA THR H 26 35.97 -18.31 -18.45
C THR H 26 37.00 -19.01 -19.31
N VAL H 27 37.76 -18.26 -20.10
CA VAL H 27 38.82 -18.87 -20.90
C VAL H 27 39.91 -19.43 -19.99
N ASN H 28 40.24 -18.72 -18.91
CA ASN H 28 41.22 -19.23 -17.97
C ASN H 28 40.75 -20.53 -17.32
N VAL H 29 39.46 -20.61 -17.00
CA VAL H 29 38.92 -21.84 -16.42
C VAL H 29 38.95 -22.98 -17.44
N GLN H 30 38.54 -22.70 -18.67
CA GLN H 30 38.50 -23.75 -19.70
C GLN H 30 39.90 -24.19 -20.13
N ARG H 31 40.92 -23.35 -19.94
CA ARG H 31 42.28 -23.71 -20.34
C ARG H 31 43.12 -24.30 -19.21
N THR H 32 42.92 -23.86 -17.98
CA THR H 32 43.75 -24.32 -16.86
C THR H 32 42.99 -24.93 -15.71
N GLY H 33 41.73 -24.54 -15.49
CA GLY H 33 40.96 -25.02 -14.37
C GLY H 33 40.82 -24.07 -13.20
N GLN H 34 41.58 -22.97 -13.20
CA GLN H 34 41.52 -21.97 -12.17
C GLN H 34 41.15 -20.62 -12.78
N PRO H 35 40.25 -19.85 -12.15
CA PRO H 35 39.84 -18.57 -12.76
C PRO H 35 40.94 -17.53 -12.77
N LEU H 36 41.81 -17.51 -11.75
CA LEU H 36 42.92 -16.57 -11.76
C LEU H 36 44.16 -17.24 -12.35
N PRO H 37 44.88 -16.58 -13.25
CA PRO H 37 46.14 -17.14 -13.75
C PRO H 37 47.14 -17.32 -12.61
N GLN H 38 48.07 -18.26 -12.81
CA GLN H 38 49.09 -18.48 -11.80
C GLN H 38 49.98 -17.26 -11.62
N SER H 39 50.16 -16.47 -12.68
CA SER H 39 50.94 -15.25 -12.58
C SER H 39 50.29 -14.28 -11.60
N ILE H 40 48.98 -14.08 -11.72
CA ILE H 40 48.29 -13.11 -10.88
C ILE H 40 48.23 -13.60 -9.44
N GLN H 41 47.98 -14.89 -9.23
CA GLN H 41 47.96 -15.44 -7.89
C GLN H 41 49.34 -15.37 -7.24
N GLN H 42 50.39 -15.65 -8.00
CA GLN H 42 51.75 -15.52 -7.45
C GLN H 42 52.06 -14.08 -7.12
N ALA H 43 51.55 -13.13 -7.92
CA ALA H 43 51.72 -11.71 -7.58
C ALA H 43 51.03 -11.38 -6.27
N MET H 44 49.80 -11.86 -6.09
CA MET H 44 49.10 -11.64 -4.83
C MET H 44 49.85 -12.26 -3.65
N ARG H 45 50.41 -13.45 -3.85
CA ARG H 45 51.19 -14.09 -2.80
C ARG H 45 52.44 -13.28 -2.46
N TYR H 46 53.10 -12.75 -3.49
CA TYR H 46 54.28 -11.91 -3.26
C TYR H 46 53.91 -10.67 -2.46
N LEU H 47 52.80 -10.03 -2.82
CA LEU H 47 52.36 -8.85 -2.07
C LEU H 47 52.00 -9.22 -0.63
N ARG H 48 51.39 -10.39 -0.43
CA ARG H 48 51.02 -10.81 0.91
C ARG H 48 52.23 -11.18 1.76
N ASN H 49 53.29 -11.68 1.13
CA ASN H 49 54.44 -12.18 1.85
C ASN H 49 55.51 -11.13 2.13
N HIS H 50 55.82 -10.27 1.16
CA HIS H 50 56.96 -9.37 1.28
C HIS H 50 56.60 -7.89 1.15
N CYS H 51 55.31 -7.54 1.10
CA CYS H 51 54.92 -6.18 0.78
C CYS H 51 53.87 -5.58 1.69
N LEU H 52 53.33 -6.34 2.66
CA LEU H 52 52.22 -5.85 3.46
C LEU H 52 52.60 -4.69 4.38
N ASP H 53 53.89 -4.42 4.56
CA ASP H 53 54.34 -3.34 5.43
C ASP H 53 54.74 -2.08 4.66
N GLN H 54 54.66 -2.10 3.34
CA GLN H 54 54.99 -0.94 2.53
C GLN H 54 53.96 0.17 2.72
N VAL H 55 54.43 1.37 3.05
CA VAL H 55 53.52 2.50 3.27
C VAL H 55 52.87 2.88 1.95
N GLY H 56 51.55 3.07 1.98
CA GLY H 56 50.83 3.54 0.82
C GLY H 56 50.68 2.54 -0.30
N LEU H 57 50.54 1.26 0.02
CA LEU H 57 50.37 0.24 -1.01
C LEU H 57 49.09 0.47 -1.81
N PHE H 58 49.15 0.19 -3.11
CA PHE H 58 48.05 0.37 -4.06
C PHE H 58 47.72 1.84 -4.28
N ARG H 59 48.34 2.74 -3.52
CA ARG H 59 48.17 4.17 -3.70
C ARG H 59 49.41 4.80 -4.34
N LYS H 60 50.57 4.65 -3.73
CA LYS H 60 51.80 5.15 -4.33
C LYS H 60 52.02 4.48 -5.69
N SER H 61 52.10 5.29 -6.73
CA SER H 61 52.16 4.76 -8.08
C SER H 61 53.48 4.05 -8.33
N GLY H 62 53.42 2.99 -9.13
CA GLY H 62 54.61 2.29 -9.57
C GLY H 62 55.32 3.06 -10.66
N VAL H 63 56.03 2.32 -11.52
CA VAL H 63 56.77 2.92 -12.62
C VAL H 63 56.35 2.22 -13.90
N LYS H 64 55.99 3.01 -14.91
CA LYS H 64 55.42 2.45 -16.13
C LYS H 64 56.36 1.45 -16.79
N SER H 65 57.67 1.74 -16.78
CA SER H 65 58.63 0.82 -17.39
C SER H 65 58.63 -0.53 -16.68
N ARG H 66 58.73 -0.52 -15.35
CA ARG H 66 58.77 -1.79 -14.62
C ARG H 66 57.42 -2.48 -14.60
N ILE H 67 56.32 -1.73 -14.66
CA ILE H 67 55.00 -2.38 -14.74
C ILE H 67 54.82 -3.04 -16.10
N GLN H 68 55.28 -2.39 -17.16
CA GLN H 68 55.26 -3.01 -18.48
C GLN H 68 56.16 -4.23 -18.52
N ALA H 69 57.29 -4.19 -17.80
CA ALA H 69 58.15 -5.36 -17.72
C ALA H 69 57.45 -6.49 -16.96
N LEU H 70 56.68 -6.15 -15.93
CA LEU H 70 55.92 -7.17 -15.20
C LEU H 70 54.86 -7.80 -16.10
N ARG H 71 54.21 -6.99 -16.94
CA ARG H 71 53.25 -7.53 -17.90
C ARG H 71 53.96 -8.43 -18.91
N GLN H 72 55.13 -8.00 -19.38
CA GLN H 72 55.98 -8.83 -20.23
C GLN H 72 56.23 -10.19 -19.60
N MET H 73 56.59 -10.18 -18.31
CA MET H 73 56.83 -11.44 -17.61
C MET H 73 55.58 -12.29 -17.52
N ASN H 74 54.45 -11.67 -17.19
CA ASN H 74 53.21 -12.44 -17.05
C ASN H 74 52.82 -13.09 -18.38
N GLU H 75 52.68 -12.29 -19.43
CA GLU H 75 52.18 -12.79 -20.70
C GLU H 75 53.28 -13.56 -21.43
N GLY H 76 52.96 -14.79 -21.82
CA GLY H 76 53.88 -15.60 -22.59
C GLY H 76 54.80 -16.49 -21.77
N ALA H 77 54.90 -16.28 -20.47
CA ALA H 77 55.77 -17.11 -19.65
C ALA H 77 55.15 -18.48 -19.45
N ILE H 78 55.85 -19.51 -19.91
CA ILE H 78 55.39 -20.88 -19.69
C ILE H 78 55.80 -21.37 -18.31
N ASP H 79 56.88 -20.83 -17.76
CA ASP H 79 57.39 -21.22 -16.45
C ASP H 79 56.67 -20.42 -15.37
N CYS H 80 57.12 -20.58 -14.13
CA CYS H 80 56.58 -19.80 -13.01
C CYS H 80 57.20 -18.41 -13.03
N VAL H 81 56.37 -17.40 -12.80
CA VAL H 81 56.79 -16.01 -12.81
C VAL H 81 57.33 -15.65 -11.43
N ASN H 82 58.62 -15.34 -11.36
CA ASN H 82 59.25 -14.96 -10.11
C ASN H 82 59.18 -13.45 -9.92
N TYR H 83 58.76 -13.02 -8.74
CA TYR H 83 58.56 -11.62 -8.41
C TYR H 83 59.64 -11.08 -7.48
N GLU H 84 60.65 -11.88 -7.16
CA GLU H 84 61.70 -11.43 -6.25
C GLU H 84 62.47 -10.27 -6.86
N GLY H 85 62.80 -9.28 -6.02
CA GLY H 85 63.52 -8.12 -6.50
C GLY H 85 62.69 -7.10 -7.25
N GLN H 86 61.38 -7.05 -7.01
CA GLN H 86 60.51 -6.10 -7.69
C GLN H 86 59.87 -5.17 -6.67
N SER H 87 59.67 -3.92 -7.06
CA SER H 87 59.01 -2.95 -6.20
C SER H 87 57.58 -3.38 -5.93
N ALA H 88 57.16 -3.23 -4.68
CA ALA H 88 55.80 -3.62 -4.30
C ALA H 88 54.76 -2.80 -5.06
N TYR H 89 55.03 -1.51 -5.26
CA TYR H 89 54.07 -0.65 -5.95
C TYR H 89 53.92 -1.04 -7.41
N ASP H 90 55.01 -1.49 -8.05
CA ASP H 90 54.91 -1.99 -9.42
C ASP H 90 53.95 -3.18 -9.49
N VAL H 91 54.06 -4.11 -8.54
CA VAL H 91 53.21 -5.29 -8.56
C VAL H 91 51.76 -4.91 -8.25
N ALA H 92 51.55 -3.98 -7.31
CA ALA H 92 50.19 -3.55 -6.99
C ALA H 92 49.53 -2.88 -8.19
N ASP H 93 50.27 -1.99 -8.86
CA ASP H 93 49.73 -1.37 -10.06
C ASP H 93 49.52 -2.38 -11.16
N MET H 94 50.33 -3.44 -11.21
CA MET H 94 50.10 -4.49 -12.19
C MET H 94 48.79 -5.23 -11.93
N LEU H 95 48.50 -5.52 -10.66
CA LEU H 95 47.21 -6.12 -10.34
C LEU H 95 46.06 -5.19 -10.72
N LYS H 96 46.19 -3.91 -10.40
CA LYS H 96 45.16 -2.95 -10.78
C LYS H 96 44.96 -2.92 -12.29
N GLN H 97 46.06 -3.00 -13.05
CA GLN H 97 45.96 -2.99 -14.50
C GLN H 97 45.38 -4.29 -15.04
N TYR H 98 45.64 -5.41 -14.37
CA TYR H 98 45.06 -6.69 -14.80
C TYR H 98 43.55 -6.66 -14.61
N PHE H 99 43.09 -6.22 -13.44
CA PHE H 99 41.65 -6.10 -13.23
C PHE H 99 41.04 -5.01 -14.08
N ARG H 100 41.83 -4.03 -14.53
CA ARG H 100 41.36 -3.01 -15.45
C ARG H 100 41.25 -3.55 -16.87
N ASP H 101 42.21 -4.37 -17.29
CA ASP H 101 42.27 -4.85 -18.66
C ASP H 101 41.39 -6.08 -18.91
N LEU H 102 40.54 -6.45 -17.97
CA LEU H 102 39.61 -7.53 -18.21
C LEU H 102 38.56 -7.09 -19.23
N PRO H 103 38.07 -8.01 -20.08
CA PRO H 103 37.06 -7.62 -21.07
C PRO H 103 35.80 -7.05 -20.45
N GLU H 104 35.29 -7.70 -19.41
CA GLU H 104 34.24 -7.16 -18.56
C GLU H 104 34.78 -6.99 -17.15
N PRO H 105 34.25 -6.03 -16.39
CA PRO H 105 34.74 -5.84 -15.03
C PRO H 105 34.45 -7.05 -14.15
N LEU H 106 35.34 -7.28 -13.17
CA LEU H 106 35.13 -8.35 -12.20
C LEU H 106 33.76 -8.24 -11.56
N MET H 107 33.43 -7.05 -11.07
CA MET H 107 32.09 -6.74 -10.59
C MET H 107 31.32 -6.12 -11.74
N THR H 108 30.31 -6.83 -12.24
CA THR H 108 29.65 -6.47 -13.49
C THR H 108 29.13 -5.04 -13.45
N ASN H 109 28.89 -4.49 -14.65
CA ASN H 109 28.39 -3.12 -14.75
C ASN H 109 27.06 -2.97 -14.02
N LYS H 110 26.31 -4.07 -13.89
CA LYS H 110 25.05 -4.03 -13.16
C LYS H 110 25.27 -3.95 -11.65
N LEU H 111 26.44 -4.38 -11.16
CA LEU H 111 26.65 -4.43 -9.72
C LEU H 111 26.87 -3.05 -9.12
N SER H 112 27.46 -2.12 -9.88
CA SER H 112 27.55 -0.74 -9.40
C SER H 112 26.17 -0.14 -9.23
N GLU H 113 25.29 -0.36 -10.21
CA GLU H 113 23.91 0.10 -10.10
C GLU H 113 23.18 -0.57 -8.94
N THR H 114 23.44 -1.85 -8.73
CA THR H 114 22.83 -2.56 -7.61
C THR H 114 23.29 -2.00 -6.27
N PHE H 115 24.58 -1.67 -6.16
CA PHE H 115 25.08 -1.05 -4.93
C PHE H 115 24.47 0.32 -4.73
N LEU H 116 24.28 1.07 -5.81
CA LEU H 116 23.59 2.35 -5.71
C LEU H 116 22.18 2.16 -5.16
N GLN H 117 21.45 1.18 -5.69
CA GLN H 117 20.11 0.90 -5.19
C GLN H 117 20.13 0.50 -3.72
N ILE H 118 21.13 -0.30 -3.32
CA ILE H 118 21.25 -0.73 -1.93
C ILE H 118 21.46 0.47 -1.01
N TYR H 119 22.43 1.32 -1.36
CA TYR H 119 22.72 2.48 -0.53
C TYR H 119 21.63 3.55 -0.61
N GLN H 120 20.73 3.47 -1.58
CA GLN H 120 19.64 4.43 -1.66
C GLN H 120 18.41 3.97 -0.87
N TYR H 121 18.00 2.72 -1.03
CA TYR H 121 16.72 2.26 -0.47
C TYR H 121 16.84 1.32 0.70
N VAL H 122 17.98 0.64 0.88
CA VAL H 122 18.15 -0.29 1.99
C VAL H 122 18.73 0.46 3.17
N PRO H 123 18.16 0.33 4.37
CA PRO H 123 18.73 1.02 5.54
C PRO H 123 20.14 0.52 5.84
N LYS H 124 20.86 1.33 6.60
CA LYS H 124 22.29 1.08 6.80
C LYS H 124 22.54 -0.26 7.50
N ASP H 125 21.64 -0.65 8.40
CA ASP H 125 21.83 -1.89 9.15
C ASP H 125 21.60 -3.13 8.29
N GLN H 126 21.00 -3.00 7.12
CA GLN H 126 20.73 -4.13 6.24
C GLN H 126 21.50 -4.05 4.93
N ARG H 127 22.45 -3.12 4.80
CA ARG H 127 23.18 -2.98 3.56
C ARG H 127 24.04 -4.21 3.27
N LEU H 128 24.63 -4.80 4.33
CA LEU H 128 25.52 -5.93 4.14
C LEU H 128 24.78 -7.15 3.56
N GLN H 129 23.55 -7.39 4.03
CA GLN H 129 22.79 -8.54 3.52
C GLN H 129 22.43 -8.35 2.04
N ALA H 130 21.99 -7.15 1.67
CA ALA H 130 21.68 -6.89 0.26
C ALA H 130 22.93 -6.99 -0.60
N ILE H 131 24.07 -6.53 -0.09
CA ILE H 131 25.33 -6.64 -0.83
C ILE H 131 25.71 -8.10 -1.02
N LYS H 132 25.55 -8.91 0.03
CA LYS H 132 25.86 -10.34 -0.08
C LYS H 132 24.95 -11.03 -1.08
N ALA H 133 23.66 -10.68 -1.07
CA ALA H 133 22.74 -11.24 -2.06
C ALA H 133 23.15 -10.85 -3.48
N ALA H 134 23.49 -9.58 -3.69
CA ALA H 134 23.93 -9.13 -4.99
C ALA H 134 25.19 -9.88 -5.44
N ILE H 135 26.12 -10.11 -4.53
CA ILE H 135 27.32 -10.86 -4.86
C ILE H 135 26.97 -12.30 -5.20
N MET H 136 26.00 -12.89 -4.49
CA MET H 136 25.54 -14.22 -4.83
C MET H 136 24.85 -14.26 -6.18
N LEU H 137 24.39 -13.11 -6.69
CA LEU H 137 23.83 -13.04 -8.04
C LEU H 137 24.91 -12.98 -9.12
N LEU H 138 26.20 -12.96 -8.76
CA LEU H 138 27.29 -12.92 -9.71
C LEU H 138 27.65 -14.32 -10.19
N PRO H 139 28.36 -14.44 -11.30
CA PRO H 139 28.80 -15.76 -11.77
C PRO H 139 29.73 -16.44 -10.77
N ASP H 140 29.89 -17.75 -10.96
CA ASP H 140 30.70 -18.55 -10.04
C ASP H 140 32.16 -18.12 -10.08
N GLU H 141 32.69 -17.91 -11.28
CA GLU H 141 34.09 -17.51 -11.42
C GLU H 141 34.35 -16.15 -10.79
N ASN H 142 33.46 -15.19 -11.05
CA ASN H 142 33.58 -13.88 -10.44
C ASN H 142 33.50 -13.97 -8.92
N ARG H 143 32.63 -14.84 -8.42
CA ARG H 143 32.49 -14.98 -6.96
C ARG H 143 33.75 -15.59 -6.35
N GLU H 144 34.34 -16.59 -7.00
CA GLU H 144 35.57 -17.17 -6.48
C GLU H 144 36.71 -16.17 -6.48
N VAL H 145 36.90 -15.47 -7.61
CA VAL H 145 37.97 -14.48 -7.69
C VAL H 145 37.73 -13.36 -6.68
N LEU H 146 36.47 -12.98 -6.46
CA LEU H 146 36.17 -11.93 -5.50
C LEU H 146 36.43 -12.38 -4.08
N GLN H 147 36.14 -13.64 -3.76
CA GLN H 147 36.47 -14.15 -2.43
C GLN H 147 37.97 -14.13 -2.20
N THR H 148 38.74 -14.58 -3.20
CA THR H 148 40.20 -14.54 -3.10
C THR H 148 40.70 -13.11 -2.89
N LEU H 149 40.16 -12.17 -3.68
CA LEU H 149 40.61 -10.79 -3.60
C LEU H 149 40.20 -10.14 -2.29
N LEU H 150 39.02 -10.48 -1.78
CA LEU H 150 38.59 -9.95 -0.48
C LEU H 150 39.47 -10.46 0.64
N TYR H 151 39.83 -11.75 0.61
CA TYR H 151 40.76 -12.27 1.61
C TYR H 151 42.11 -11.57 1.52
N PHE H 152 42.62 -11.38 0.31
CA PHE H 152 43.92 -10.72 0.16
C PHE H 152 43.88 -9.28 0.65
N LEU H 153 42.84 -8.53 0.28
CA LEU H 153 42.75 -7.14 0.70
C LEU H 153 42.47 -7.01 2.19
N SER H 154 41.78 -7.99 2.79
CA SER H 154 41.64 -8.00 4.24
C SER H 154 42.99 -8.22 4.90
N ASP H 155 43.81 -9.12 4.34
CA ASP H 155 45.16 -9.29 4.85
C ASP H 155 45.96 -8.00 4.72
N VAL H 156 45.73 -7.26 3.64
CA VAL H 156 46.43 -5.98 3.43
C VAL H 156 46.01 -4.97 4.50
N THR H 157 44.70 -4.75 4.66
CA THR H 157 44.21 -3.77 5.62
C THR H 157 44.45 -4.20 7.06
N ALA H 158 44.75 -5.48 7.31
CA ALA H 158 45.10 -5.90 8.66
C ALA H 158 46.40 -5.25 9.14
N ALA H 159 47.24 -4.79 8.22
CA ALA H 159 48.48 -4.09 8.55
C ALA H 159 48.32 -2.58 8.40
N VAL H 160 47.13 -2.06 8.76
CA VAL H 160 46.85 -0.64 8.55
C VAL H 160 47.74 0.23 9.44
N LYS H 161 48.19 -0.30 10.58
CA LYS H 161 49.12 0.44 11.42
C LYS H 161 50.47 0.64 10.76
N GLU H 162 50.80 -0.18 9.76
CA GLU H 162 52.07 -0.09 9.05
C GLU H 162 51.95 0.57 7.68
N ASN H 163 50.92 0.26 6.91
CA ASN H 163 50.78 0.77 5.56
C ASN H 163 49.82 1.95 5.44
N GLN H 164 49.10 2.30 6.51
CA GLN H 164 48.17 3.42 6.53
C GLN H 164 47.05 3.26 5.49
N MET H 165 46.74 2.02 5.14
CA MET H 165 45.72 1.72 4.14
C MET H 165 44.45 1.27 4.86
N THR H 166 43.55 2.22 5.09
CA THR H 166 42.25 1.91 5.65
C THR H 166 41.39 1.20 4.60
N PRO H 167 40.34 0.49 5.03
CA PRO H 167 39.46 -0.16 4.04
C PRO H 167 38.89 0.82 3.03
N THR H 168 38.48 2.02 3.48
CA THR H 168 37.98 3.01 2.53
C THR H 168 39.08 3.50 1.59
N ASN H 169 40.32 3.59 2.09
CA ASN H 169 41.43 3.98 1.23
C ASN H 169 41.66 2.92 0.14
N LEU H 170 41.64 1.64 0.53
CA LEU H 170 41.73 0.57 -0.44
C LEU H 170 40.58 0.63 -1.45
N ALA H 171 39.39 0.96 -0.97
CA ALA H 171 38.25 1.08 -1.88
C ALA H 171 38.47 2.19 -2.90
N VAL H 172 38.92 3.36 -2.42
CA VAL H 172 39.19 4.47 -3.33
C VAL H 172 40.24 4.08 -4.37
N CYS H 173 41.25 3.31 -3.94
CA CYS H 173 42.31 2.95 -4.89
C CYS H 173 41.90 1.84 -5.85
N LEU H 174 40.98 0.95 -5.45
CA LEU H 174 40.72 -0.26 -6.23
C LEU H 174 39.39 -0.27 -6.97
N ALA H 175 38.39 0.48 -6.53
CA ALA H 175 37.08 0.43 -7.16
C ALA H 175 37.08 0.76 -8.66
N PRO H 176 37.84 1.74 -9.17
CA PRO H 176 37.85 1.96 -10.62
C PRO H 176 38.30 0.73 -11.40
N SER H 177 39.27 -0.02 -10.90
CA SER H 177 39.75 -1.20 -11.62
C SER H 177 38.74 -2.34 -11.57
N LEU H 178 38.03 -2.47 -10.44
CA LEU H 178 37.12 -3.59 -10.25
C LEU H 178 35.77 -3.36 -10.92
N PHE H 179 35.31 -2.10 -10.98
CA PHE H 179 34.02 -1.78 -11.55
C PHE H 179 34.10 -1.23 -12.98
N HIS H 180 35.29 -0.80 -13.41
CA HIS H 180 35.46 -0.09 -14.68
C HIS H 180 34.62 1.19 -14.71
N LEU H 181 34.93 2.08 -13.77
CA LEU H 181 34.22 3.33 -13.59
C LEU H 181 34.83 4.45 -14.44
N ASN H 182 34.10 5.56 -14.53
CA ASN H 182 34.55 6.74 -15.25
C ASN H 182 35.15 7.77 -14.29
N THR H 183 35.97 8.66 -14.85
CA THR H 183 36.66 9.68 -14.07
C THR H 183 36.71 10.99 -14.86
N LEU H 184 36.56 12.11 -14.14
CA LEU H 184 36.58 13.42 -14.78
C LEU H 184 37.27 14.44 -13.86
N PRO H 203 31.53 12.11 -17.25
CA PRO H 203 30.32 11.30 -17.03
C PRO H 203 29.15 12.12 -16.50
N ASP H 204 28.00 11.47 -16.35
CA ASP H 204 26.79 12.12 -15.85
C ASP H 204 26.73 12.06 -14.33
N GLN H 205 25.66 12.62 -13.77
CA GLN H 205 25.48 12.61 -12.32
C GLN H 205 25.14 11.19 -11.84
N LYS H 206 24.36 10.44 -12.61
CA LYS H 206 24.07 9.06 -12.25
C LYS H 206 25.33 8.23 -12.19
N ASP H 207 26.27 8.47 -13.11
CA ASP H 207 27.52 7.73 -13.10
C ASP H 207 28.38 8.10 -11.90
N LEU H 208 28.38 9.37 -11.50
CA LEU H 208 29.11 9.77 -10.31
C LEU H 208 28.50 9.16 -9.05
N ASN H 209 27.17 9.10 -8.99
CA ASN H 209 26.51 8.42 -7.87
C ASN H 209 26.86 6.93 -7.85
N GLU H 210 26.91 6.31 -9.04
CA GLU H 210 27.34 4.91 -9.09
C GLU H 210 28.76 4.74 -8.58
N ASN H 211 29.66 5.66 -8.95
CA ASN H 211 31.03 5.59 -8.48
C ASN H 211 31.10 5.69 -6.96
N LEU H 212 30.40 6.67 -6.39
CA LEU H 212 30.41 6.86 -4.95
C LEU H 212 29.84 5.64 -4.22
N ALA H 213 28.71 5.12 -4.71
CA ALA H 213 28.08 3.98 -4.05
C ALA H 213 28.94 2.73 -4.17
N ALA H 214 29.61 2.55 -5.32
CA ALA H 214 30.50 1.41 -5.48
C ALA H 214 31.69 1.50 -4.55
N THR H 215 32.26 2.70 -4.39
CA THR H 215 33.35 2.86 -3.44
C THR H 215 32.90 2.56 -2.02
N GLN H 216 31.73 3.07 -1.63
CA GLN H 216 31.21 2.79 -0.30
C GLN H 216 30.98 1.29 -0.08
N GLY H 217 30.40 0.63 -1.08
CA GLY H 217 30.14 -0.80 -0.95
C GLY H 217 31.42 -1.62 -0.89
N LEU H 218 32.42 -1.25 -1.68
CA LEU H 218 33.70 -1.95 -1.63
C LEU H 218 34.37 -1.77 -0.28
N ALA H 219 34.34 -0.55 0.27
CA ALA H 219 34.91 -0.34 1.60
C ALA H 219 34.16 -1.14 2.65
N HIS H 220 32.83 -1.20 2.53
CA HIS H 220 32.02 -1.97 3.46
C HIS H 220 32.36 -3.46 3.39
N MET H 221 32.56 -3.96 2.16
CA MET H 221 32.91 -5.37 1.97
C MET H 221 34.29 -5.68 2.52
N ILE H 222 35.25 -4.77 2.31
CA ILE H 222 36.62 -5.00 2.76
C ILE H 222 36.68 -4.98 4.29
N ALA H 223 35.95 -4.05 4.91
CA ALA H 223 36.04 -3.88 6.36
C ALA H 223 35.60 -5.15 7.10
N GLU H 224 34.56 -5.81 6.59
CA GLU H 224 34.02 -7.01 7.24
C GLU H 224 34.26 -8.23 6.35
N CYS H 225 35.22 -9.06 6.74
CA CYS H 225 35.54 -10.26 5.98
C CYS H 225 35.67 -11.47 6.91
#